data_1F0X
#
_entry.id   1F0X
#
_cell.length_a   69.006
_cell.length_b   74.187
_cell.length_c   101.997
_cell.angle_alpha   90.00
_cell.angle_beta   95.73
_cell.angle_gamma   90.00
#
_symmetry.space_group_name_H-M   'P 1 21 1'
#
loop_
_entity.id
_entity.type
_entity.pdbx_description
1 polymer 'D-LACTATE DEHYDROGENASE'
2 non-polymer 'FLAVIN-ADENINE DINUCLEOTIDE'
3 water water
#
_entity_poly.entity_id   1
_entity_poly.type   'polypeptide(L)'
_entity_poly.pdbx_seq_one_letter_code
;MSSMTTTDNKAFLNELARLVGSSHLLTDPAKTARYRKGFRSGQGDALAVVFPGSLLELWRVLKACVTADKIILMQAANTG
LTEGSTPNGNDYDRDVVIISTLRLDKLHVLGKGEQVLAYPGTTLYSLEKALKPLGREPHSVIGSSCIGASVIGGICNNSG
GSLVQRGPAYTEMSLFARINEDGKLTLVNHLGIDLGETPEQILSKLDDDRIKDDDVRHDGRHAHDYDYVHRVRDIEADTP
ARYNADPDRLFESSGCAGKLAVFAVRLDTFEAEKNQQVFYIGTNQPEVLTEIRRHILANFENLPVAGEYMHRDIYDIAEK
YGKDTFLMIDKLGTDKMPFFFNLKGRTDAMLEKVKFFRPHFTDRAMQKFGHLFPSHLPPRMKNWRDKYEHHLLLKMAGDG
VGEAKSWLVDYFKQAEGDFFVCTPEEGSKAFLHRFAAAGAAIRYQAVHSDEVEDILALDIALRRNDTEWYEHLPPEIDSQ
LVHKLYYGHFMCYVFHQDYIVKKGVDVHALKEQMLELLQQRGAQYPAEHNVGHLYKAPETLQKFYRENDPTNSMNPGIGK
TSKRKNWQEVE
;
_entity_poly.pdbx_strand_id   A,B
#
# COMPACT_ATOMS: atom_id res chain seq x y z
N ASN A 9 -34.74 -25.64 5.62
CA ASN A 9 -34.58 -24.36 4.88
C ASN A 9 -34.68 -23.09 5.74
N LYS A 10 -35.40 -23.19 6.85
CA LYS A 10 -35.53 -22.07 7.74
C LYS A 10 -34.16 -21.89 8.38
N ALA A 11 -33.47 -23.00 8.60
CA ALA A 11 -32.16 -22.92 9.21
C ALA A 11 -31.10 -22.33 8.28
N PHE A 12 -31.07 -22.80 7.04
CA PHE A 12 -30.07 -22.28 6.07
C PHE A 12 -30.16 -20.76 5.96
N LEU A 13 -31.37 -20.22 5.79
CA LEU A 13 -31.55 -18.77 5.68
C LEU A 13 -31.09 -17.98 6.93
N ASN A 14 -31.30 -18.55 8.12
CA ASN A 14 -30.88 -17.88 9.34
C ASN A 14 -29.37 -17.82 9.41
N GLU A 15 -28.75 -18.87 8.90
CA GLU A 15 -27.29 -18.90 8.86
C GLU A 15 -26.79 -17.76 7.96
N LEU A 16 -27.44 -17.58 6.80
CA LEU A 16 -27.02 -16.53 5.86
C LEU A 16 -27.19 -15.15 6.50
N ALA A 17 -28.33 -14.93 7.14
CA ALA A 17 -28.57 -13.65 7.78
C ALA A 17 -27.56 -13.43 8.89
N ARG A 18 -27.09 -14.52 9.49
CA ARG A 18 -26.10 -14.43 10.58
C ARG A 18 -24.73 -14.10 10.00
N LEU A 19 -24.43 -14.62 8.81
CA LEU A 19 -23.14 -14.35 8.17
C LEU A 19 -22.99 -12.98 7.51
N VAL A 20 -24.07 -12.47 6.92
CA VAL A 20 -23.98 -11.16 6.22
C VAL A 20 -24.85 -10.06 6.80
N GLY A 21 -25.73 -10.43 7.73
CA GLY A 21 -26.62 -9.44 8.35
C GLY A 21 -27.96 -9.50 7.64
N SER A 22 -29.08 -9.31 8.34
CA SER A 22 -30.35 -9.40 7.66
C SER A 22 -30.58 -8.34 6.61
N SER A 23 -29.99 -7.16 6.73
CA SER A 23 -30.24 -6.18 5.68
C SER A 23 -29.50 -6.53 4.35
N HIS A 24 -28.71 -7.61 4.36
CA HIS A 24 -27.95 -8.02 3.17
C HIS A 24 -28.39 -9.37 2.63
N LEU A 25 -29.63 -9.74 2.94
CA LEU A 25 -30.19 -11.01 2.48
C LEU A 25 -31.63 -10.67 2.02
N LEU A 26 -32.03 -11.12 0.83
CA LEU A 26 -33.38 -10.87 0.27
C LEU A 26 -33.99 -12.21 -0.12
N THR A 27 -35.24 -12.44 0.27
CA THR A 27 -35.91 -13.72 -0.04
C THR A 27 -37.28 -13.52 -0.65
N ASP A 28 -37.87 -12.40 -0.32
CA ASP A 28 -39.17 -12.05 -0.88
C ASP A 28 -39.13 -11.89 -2.43
N PRO A 29 -39.83 -12.77 -3.16
CA PRO A 29 -39.89 -12.74 -4.64
C PRO A 29 -40.00 -11.35 -5.25
N ALA A 30 -40.82 -10.50 -4.64
CA ALA A 30 -41.03 -9.12 -5.11
C ALA A 30 -39.76 -8.31 -5.00
N LYS A 31 -38.93 -8.63 -4.01
CA LYS A 31 -37.66 -7.94 -3.77
C LYS A 31 -36.51 -8.57 -4.57
N THR A 32 -36.60 -9.86 -4.87
CA THR A 32 -35.52 -10.53 -5.59
C THR A 32 -35.70 -10.47 -7.08
N ALA A 33 -36.87 -10.00 -7.49
CA ALA A 33 -37.17 -9.90 -8.89
C ALA A 33 -36.09 -9.07 -9.58
N ARG A 34 -35.62 -8.02 -8.88
CA ARG A 34 -34.60 -7.13 -9.44
C ARG A 34 -33.33 -7.93 -9.88
N TYR A 35 -33.07 -9.05 -9.22
CA TYR A 35 -31.87 -9.83 -9.52
C TYR A 35 -32.12 -11.13 -10.28
N ARG A 36 -33.40 -11.41 -10.53
CA ARG A 36 -33.77 -12.68 -11.17
C ARG A 36 -34.12 -12.53 -12.65
N LYS A 37 -34.18 -11.29 -13.06
CA LYS A 37 -34.50 -10.94 -14.41
C LYS A 37 -33.23 -10.43 -15.16
N GLY A 38 -32.96 -10.98 -16.34
CA GLY A 38 -31.80 -10.59 -17.13
C GLY A 38 -31.99 -9.22 -17.80
N PHE A 39 -30.87 -8.59 -18.16
CA PHE A 39 -30.88 -7.27 -18.77
C PHE A 39 -31.71 -7.25 -20.03
N ARG A 40 -31.55 -8.24 -20.90
CA ARG A 40 -32.38 -8.20 -22.08
C ARG A 40 -33.45 -9.28 -21.97
N SER A 41 -33.11 -10.42 -21.41
CA SER A 41 -34.09 -11.49 -21.26
C SER A 41 -33.59 -12.47 -20.25
N GLY A 42 -34.40 -13.49 -19.97
CA GLY A 42 -33.96 -14.48 -19.02
C GLY A 42 -34.57 -14.21 -17.65
N GLN A 43 -35.13 -15.23 -17.03
CA GLN A 43 -35.79 -15.02 -15.74
C GLN A 43 -36.03 -16.34 -15.10
N GLY A 44 -36.00 -16.33 -13.78
CA GLY A 44 -36.21 -17.58 -13.07
C GLY A 44 -36.43 -17.32 -11.62
N ASP A 45 -36.83 -18.35 -10.87
CA ASP A 45 -37.06 -18.23 -9.45
C ASP A 45 -35.71 -18.42 -8.75
N ALA A 46 -35.60 -17.87 -7.55
CA ALA A 46 -34.43 -18.10 -6.71
C ALA A 46 -34.87 -18.03 -5.25
N LEU A 47 -34.33 -18.89 -4.41
CA LEU A 47 -34.61 -18.90 -2.97
C LEU A 47 -34.11 -17.61 -2.26
N ALA A 48 -32.93 -17.13 -2.66
CA ALA A 48 -32.39 -15.96 -2.00
C ALA A 48 -31.36 -15.22 -2.82
N VAL A 49 -31.17 -13.94 -2.51
CA VAL A 49 -30.09 -13.16 -3.11
C VAL A 49 -29.32 -12.70 -1.87
N VAL A 50 -28.02 -13.01 -1.80
CA VAL A 50 -27.24 -12.59 -0.65
C VAL A 50 -26.10 -11.65 -1.12
N PHE A 51 -25.78 -10.67 -0.29
CA PHE A 51 -24.80 -9.66 -0.63
C PHE A 51 -23.65 -9.63 0.39
N PRO A 52 -22.64 -10.52 0.26
CA PRO A 52 -21.56 -10.43 1.26
C PRO A 52 -20.85 -9.10 1.19
N GLY A 53 -20.32 -8.67 2.34
CA GLY A 53 -19.58 -7.43 2.45
C GLY A 53 -18.07 -7.55 2.56
N SER A 54 -17.54 -8.78 2.60
CA SER A 54 -16.10 -8.99 2.61
C SER A 54 -15.83 -10.30 1.86
N LEU A 55 -14.58 -10.51 1.43
CA LEU A 55 -14.28 -11.75 0.73
C LEU A 55 -14.43 -12.86 1.76
N LEU A 56 -14.08 -12.60 3.02
CA LEU A 56 -14.22 -13.68 4.01
C LEU A 56 -15.70 -14.09 4.18
N GLU A 57 -16.61 -13.12 4.15
CA GLU A 57 -18.05 -13.40 4.20
C GLU A 57 -18.46 -14.15 2.93
N LEU A 58 -17.88 -13.81 1.79
CA LEU A 58 -18.21 -14.53 0.55
C LEU A 58 -17.87 -16.00 0.72
N TRP A 59 -16.70 -16.30 1.25
CA TRP A 59 -16.23 -17.67 1.50
C TRP A 59 -17.17 -18.41 2.42
N ARG A 60 -17.59 -17.76 3.52
CA ARG A 60 -18.48 -18.43 4.46
C ARG A 60 -19.86 -18.65 3.85
N VAL A 61 -20.35 -17.71 3.06
CA VAL A 61 -21.65 -17.91 2.40
C VAL A 61 -21.53 -19.13 1.44
N LEU A 62 -20.44 -19.18 0.65
CA LEU A 62 -20.29 -20.29 -0.30
C LEU A 62 -20.31 -21.61 0.45
N LYS A 63 -19.59 -21.67 1.59
CA LYS A 63 -19.54 -22.89 2.39
C LYS A 63 -20.93 -23.28 2.90
N ALA A 64 -21.71 -22.29 3.34
CA ALA A 64 -23.08 -22.53 3.84
C ALA A 64 -23.95 -23.03 2.67
N CYS A 65 -23.73 -22.50 1.46
CA CYS A 65 -24.51 -22.98 0.30
C CYS A 65 -24.14 -24.41 -0.06
N VAL A 66 -22.85 -24.72 -0.02
CA VAL A 66 -22.41 -26.07 -0.39
C VAL A 66 -22.91 -27.10 0.63
N THR A 67 -22.93 -26.74 1.90
CA THR A 67 -23.38 -27.67 2.92
C THR A 67 -24.89 -27.89 2.91
N ALA A 68 -25.64 -26.93 2.39
CA ALA A 68 -27.08 -27.05 2.27
C ALA A 68 -27.41 -27.55 0.87
N ASP A 69 -26.39 -27.98 0.13
CA ASP A 69 -26.57 -28.49 -1.23
C ASP A 69 -27.48 -27.60 -2.11
N LYS A 70 -27.16 -26.30 -2.19
CA LYS A 70 -27.91 -25.37 -3.03
C LYS A 70 -27.12 -25.13 -4.32
N ILE A 71 -27.81 -24.61 -5.31
CA ILE A 71 -27.18 -24.25 -6.56
C ILE A 71 -26.75 -22.79 -6.34
N ILE A 72 -25.55 -22.46 -6.79
CA ILE A 72 -25.00 -21.12 -6.62
C ILE A 72 -24.88 -20.36 -7.96
N LEU A 73 -25.45 -19.15 -7.98
CA LEU A 73 -25.36 -18.31 -9.15
C LEU A 73 -24.67 -16.99 -8.76
N MET A 74 -23.41 -16.90 -9.16
CA MET A 74 -22.60 -15.71 -8.92
C MET A 74 -23.12 -14.61 -9.85
N GLN A 75 -23.36 -13.40 -9.30
CA GLN A 75 -23.84 -12.30 -10.13
C GLN A 75 -23.18 -10.99 -9.72
N ALA A 76 -22.73 -10.20 -10.71
CA ALA A 76 -22.16 -8.88 -10.47
C ALA A 76 -22.96 -7.79 -11.17
N ALA A 77 -24.09 -7.33 -10.81
CA ALA A 77 -24.42 -6.16 -11.87
C ALA A 77 -25.27 -6.61 -12.99
N ASN A 78 -25.10 -7.85 -13.41
CA ASN A 78 -26.14 -8.39 -14.25
C ASN A 78 -26.44 -7.66 -15.57
N THR A 79 -25.40 -7.40 -16.36
CA THR A 79 -25.53 -6.80 -17.67
C THR A 79 -25.31 -7.85 -18.76
N GLY A 80 -25.10 -9.10 -18.34
CA GLY A 80 -24.95 -10.19 -19.30
C GLY A 80 -26.19 -10.12 -20.24
N LEU A 81 -25.93 -10.32 -21.53
CA LEU A 81 -26.94 -10.21 -22.58
C LEU A 81 -27.55 -11.49 -23.14
N THR A 82 -27.09 -12.64 -22.69
CA THR A 82 -27.55 -13.92 -23.19
C THR A 82 -28.17 -14.84 -22.14
N GLU A 83 -28.73 -14.22 -21.09
CA GLU A 83 -29.43 -14.84 -19.97
C GLU A 83 -28.58 -15.64 -19.01
N GLY A 84 -27.27 -15.55 -19.20
CA GLY A 84 -26.40 -16.31 -18.33
C GLY A 84 -26.00 -15.73 -16.98
N SER A 85 -26.67 -14.67 -16.53
CA SER A 85 -26.32 -14.12 -15.25
C SER A 85 -27.53 -14.16 -14.33
N THR A 86 -28.63 -14.80 -14.78
CA THR A 86 -29.84 -14.91 -14.00
C THR A 86 -30.39 -16.35 -14.04
N PRO A 87 -31.25 -16.71 -13.08
CA PRO A 87 -31.78 -18.09 -13.15
C PRO A 87 -32.50 -18.26 -14.50
N ASN A 88 -32.49 -19.48 -15.06
CA ASN A 88 -33.13 -19.72 -16.35
C ASN A 88 -34.33 -20.62 -16.08
N GLY A 89 -35.52 -20.03 -15.97
CA GLY A 89 -36.69 -20.84 -15.65
C GLY A 89 -36.74 -21.29 -14.19
N ASN A 90 -37.52 -22.34 -13.90
CA ASN A 90 -37.66 -22.81 -12.51
C ASN A 90 -37.41 -24.29 -12.32
N ASP A 91 -36.99 -24.97 -13.37
CA ASP A 91 -36.78 -26.41 -13.32
C ASP A 91 -35.46 -26.89 -12.74
N TYR A 92 -34.86 -26.16 -11.80
CA TYR A 92 -33.59 -26.66 -11.26
C TYR A 92 -33.88 -27.75 -10.24
N ASP A 93 -33.01 -28.75 -10.15
CA ASP A 93 -33.24 -29.85 -9.20
C ASP A 93 -33.00 -29.46 -7.72
N ARG A 94 -32.42 -28.27 -7.46
CA ARG A 94 -32.16 -27.81 -6.09
C ARG A 94 -32.52 -26.33 -6.05
N ASP A 95 -32.64 -25.74 -4.87
CA ASP A 95 -32.92 -24.31 -4.76
C ASP A 95 -31.69 -23.54 -5.30
N VAL A 96 -31.95 -22.36 -5.79
CA VAL A 96 -30.93 -21.50 -6.37
C VAL A 96 -30.67 -20.30 -5.43
N VAL A 97 -29.42 -20.04 -5.14
CA VAL A 97 -29.02 -18.93 -4.28
C VAL A 97 -28.17 -18.00 -5.18
N ILE A 98 -28.63 -16.76 -5.36
CA ILE A 98 -27.88 -15.80 -6.19
C ILE A 98 -26.96 -15.04 -5.24
N ILE A 99 -25.66 -15.05 -5.52
CA ILE A 99 -24.75 -14.30 -4.66
C ILE A 99 -24.36 -13.07 -5.45
N SER A 100 -24.84 -11.91 -5.02
CA SER A 100 -24.50 -10.66 -5.66
C SER A 100 -23.18 -10.23 -5.02
N THR A 101 -22.22 -9.95 -5.87
CA THR A 101 -20.89 -9.53 -5.42
C THR A 101 -20.69 -8.04 -5.43
N LEU A 102 -21.73 -7.23 -5.62
CA LEU A 102 -21.46 -5.83 -5.80
C LEU A 102 -20.94 -4.98 -4.67
N ARG A 103 -21.02 -5.51 -3.46
CA ARG A 103 -20.49 -4.76 -2.33
C ARG A 103 -18.99 -4.98 -2.22
N LEU A 104 -18.45 -5.96 -2.95
CA LEU A 104 -16.99 -6.27 -2.83
C LEU A 104 -16.26 -5.39 -3.85
N ASP A 105 -16.31 -4.10 -3.61
CA ASP A 105 -15.82 -3.20 -4.59
C ASP A 105 -14.47 -2.50 -4.37
N LYS A 106 -13.60 -3.03 -3.54
CA LYS A 106 -12.31 -2.40 -3.35
C LYS A 106 -11.46 -2.69 -4.63
N LEU A 107 -10.26 -2.13 -4.68
CA LEU A 107 -9.39 -2.30 -5.82
C LEU A 107 -7.99 -2.13 -5.27
N HIS A 108 -7.05 -2.99 -5.64
CA HIS A 108 -5.71 -2.81 -5.12
C HIS A 108 -4.69 -2.58 -6.27
N VAL A 109 -4.02 -1.45 -6.25
CA VAL A 109 -3.08 -1.12 -7.28
C VAL A 109 -1.75 -1.72 -6.89
N LEU A 110 -1.15 -2.49 -7.79
CA LEU A 110 0.17 -3.10 -7.53
C LEU A 110 1.26 -2.19 -8.09
N GLY A 111 2.38 -2.08 -7.39
CA GLY A 111 3.48 -1.22 -7.86
C GLY A 111 3.05 0.19 -8.21
N LYS A 112 3.42 0.65 -9.40
CA LYS A 112 3.01 1.99 -9.83
C LYS A 112 1.76 1.94 -10.69
N GLY A 113 1.06 0.82 -10.60
CA GLY A 113 -0.16 0.70 -11.37
C GLY A 113 -0.09 -0.12 -12.63
N GLU A 114 1.04 -0.83 -12.86
CA GLU A 114 1.22 -1.70 -14.02
C GLU A 114 0.27 -2.89 -13.97
N GLN A 115 -0.15 -3.27 -12.76
CA GLN A 115 -1.10 -4.34 -12.57
C GLN A 115 -2.03 -3.91 -11.41
N VAL A 116 -3.19 -4.55 -11.31
CA VAL A 116 -4.13 -4.28 -10.26
C VAL A 116 -4.71 -5.58 -9.84
N LEU A 117 -5.28 -5.60 -8.62
CA LEU A 117 -6.01 -6.72 -8.09
C LEU A 117 -7.43 -6.15 -8.07
N ALA A 118 -8.36 -6.77 -8.82
CA ALA A 118 -9.72 -6.30 -8.81
C ALA A 118 -10.48 -7.34 -8.00
N TYR A 119 -11.50 -6.88 -7.27
CA TYR A 119 -12.33 -7.75 -6.43
C TYR A 119 -13.67 -8.00 -7.13
N PRO A 120 -14.51 -8.90 -6.60
CA PRO A 120 -15.78 -9.17 -7.28
C PRO A 120 -16.68 -8.02 -7.68
N GLY A 121 -16.75 -6.95 -6.90
CA GLY A 121 -17.61 -5.85 -7.27
C GLY A 121 -16.86 -4.68 -7.90
N THR A 122 -15.57 -4.79 -8.14
CA THR A 122 -14.87 -3.63 -8.75
C THR A 122 -15.46 -3.34 -10.12
N THR A 123 -15.90 -2.10 -10.35
CA THR A 123 -16.43 -1.77 -11.66
C THR A 123 -15.32 -1.31 -12.62
N LEU A 124 -15.55 -1.53 -13.91
CA LEU A 124 -14.61 -1.04 -14.92
C LEU A 124 -14.52 0.48 -14.74
N TYR A 125 -15.65 1.11 -14.45
CA TYR A 125 -15.64 2.53 -14.27
C TYR A 125 -14.68 2.97 -13.15
N SER A 126 -14.73 2.34 -11.99
CA SER A 126 -13.84 2.72 -10.93
C SER A 126 -12.39 2.37 -11.28
N LEU A 127 -12.20 1.32 -12.08
CA LEU A 127 -10.85 0.92 -12.44
C LEU A 127 -10.26 2.06 -13.26
N GLU A 128 -11.02 2.51 -14.26
CA GLU A 128 -10.64 3.61 -15.14
C GLU A 128 -10.23 4.83 -14.31
N LYS A 129 -11.06 5.18 -13.32
CA LYS A 129 -10.84 6.34 -12.46
C LYS A 129 -9.56 6.25 -11.60
N ALA A 130 -9.32 5.09 -11.01
CA ALA A 130 -8.15 4.92 -10.17
C ALA A 130 -6.86 4.91 -11.01
N LEU A 131 -6.92 4.40 -12.24
CA LEU A 131 -5.72 4.36 -13.10
C LEU A 131 -5.37 5.70 -13.77
N LYS A 132 -6.37 6.56 -13.94
CA LYS A 132 -6.13 7.80 -14.67
C LYS A 132 -4.99 8.62 -14.09
N PRO A 133 -5.02 8.96 -12.77
CA PRO A 133 -3.90 9.74 -12.23
C PRO A 133 -2.55 8.99 -12.31
N LEU A 134 -2.59 7.68 -12.55
CA LEU A 134 -1.33 6.94 -12.67
C LEU A 134 -0.83 6.89 -14.13
N GLY A 135 -1.56 7.53 -15.03
CA GLY A 135 -1.17 7.50 -16.44
C GLY A 135 -1.40 6.15 -17.13
N ARG A 136 -2.29 5.33 -16.55
CA ARG A 136 -2.63 3.99 -17.10
C ARG A 136 -4.12 3.92 -17.53
N GLU A 137 -4.43 2.92 -18.32
CA GLU A 137 -5.76 2.65 -18.85
C GLU A 137 -6.05 1.18 -18.61
N PRO A 138 -7.33 0.83 -18.51
CA PRO A 138 -7.61 -0.60 -18.29
C PRO A 138 -7.49 -1.43 -19.54
N HIS A 139 -7.57 -2.73 -19.32
CA HIS A 139 -7.50 -3.78 -20.34
C HIS A 139 -8.79 -3.91 -21.11
N SER A 140 -9.83 -3.23 -20.66
CA SER A 140 -11.12 -3.38 -21.28
C SER A 140 -11.98 -2.15 -21.25
N VAL A 141 -12.73 -1.96 -22.32
CA VAL A 141 -13.69 -0.87 -22.49
C VAL A 141 -14.84 -1.54 -23.23
N ILE A 142 -15.96 -1.74 -22.54
CA ILE A 142 -17.11 -2.37 -23.18
C ILE A 142 -18.35 -1.41 -23.14
N GLY A 143 -19.35 -1.68 -23.96
CA GLY A 143 -20.51 -0.78 -23.96
C GLY A 143 -21.20 -0.62 -22.60
N SER A 144 -21.05 -1.62 -21.74
CA SER A 144 -21.72 -1.60 -20.45
C SER A 144 -20.90 -0.99 -19.31
N SER A 145 -19.72 -0.48 -19.60
CA SER A 145 -18.90 0.15 -18.55
C SER A 145 -19.69 1.33 -17.95
N CYS A 146 -20.42 2.08 -18.79
CA CYS A 146 -21.18 3.25 -18.31
C CYS A 146 -22.36 2.81 -17.44
N ILE A 147 -22.76 1.54 -17.52
CA ILE A 147 -23.81 1.11 -16.63
C ILE A 147 -23.32 0.10 -15.59
N GLY A 148 -22.07 0.27 -15.15
CA GLY A 148 -21.53 -0.53 -14.08
C GLY A 148 -21.02 -1.95 -14.27
N ALA A 149 -20.72 -2.37 -15.49
CA ALA A 149 -20.20 -3.70 -15.70
C ALA A 149 -18.96 -3.83 -14.77
N SER A 150 -18.79 -5.03 -14.25
CA SER A 150 -17.70 -5.33 -13.34
C SER A 150 -16.47 -5.88 -14.08
N VAL A 151 -15.29 -5.66 -13.51
CA VAL A 151 -14.08 -6.24 -14.09
C VAL A 151 -14.14 -7.79 -14.10
N ILE A 152 -14.55 -8.37 -13.01
CA ILE A 152 -14.55 -9.82 -12.92
C ILE A 152 -15.60 -10.45 -13.77
N GLY A 153 -16.73 -9.78 -13.90
CA GLY A 153 -17.78 -10.32 -14.76
C GLY A 153 -17.28 -10.41 -16.22
N GLY A 154 -16.47 -9.44 -16.67
CA GLY A 154 -15.91 -9.49 -18.02
C GLY A 154 -14.87 -10.64 -18.18
N ILE A 155 -14.04 -10.86 -17.17
CA ILE A 155 -13.03 -11.98 -17.18
C ILE A 155 -13.85 -13.33 -17.28
N CYS A 156 -14.92 -13.44 -16.47
CA CYS A 156 -15.77 -14.65 -16.50
C CYS A 156 -16.48 -14.97 -17.84
N ASN A 157 -16.72 -13.93 -18.62
CA ASN A 157 -17.38 -14.01 -19.92
C ASN A 157 -16.35 -13.83 -21.04
N ASN A 158 -15.04 -13.72 -20.77
CA ASN A 158 -14.09 -13.38 -21.87
C ASN A 158 -14.67 -12.17 -22.70
N SER A 159 -15.08 -11.12 -22.01
CA SER A 159 -15.67 -9.98 -22.68
C SER A 159 -14.73 -9.36 -23.71
N GLY A 160 -15.28 -8.64 -24.68
CA GLY A 160 -14.42 -8.03 -25.69
C GLY A 160 -14.81 -6.59 -25.95
N GLY A 161 -14.35 -5.62 -25.21
CA GLY A 161 -14.90 -4.34 -25.69
C GLY A 161 -14.61 -3.78 -27.11
N SER A 162 -14.26 -2.51 -27.12
CA SER A 162 -13.93 -1.80 -28.35
C SER A 162 -12.42 -1.63 -28.46
N LEU A 163 -11.68 -2.02 -27.44
CA LEU A 163 -10.20 -1.86 -27.43
C LEU A 163 -9.49 -2.85 -28.35
N VAL A 164 -9.28 -2.42 -29.61
CA VAL A 164 -8.64 -3.25 -30.64
C VAL A 164 -7.30 -3.91 -30.29
N GLN A 165 -6.45 -3.25 -29.51
CA GLN A 165 -5.13 -3.84 -29.18
C GLN A 165 -5.12 -4.82 -28.01
N ARG A 166 -6.13 -4.76 -27.16
CA ARG A 166 -6.22 -5.64 -26.00
C ARG A 166 -7.04 -6.84 -26.40
N GLY A 167 -6.83 -7.99 -25.83
CA GLY A 167 -7.72 -8.99 -26.40
C GLY A 167 -8.98 -9.11 -25.58
N PRO A 168 -9.65 -10.26 -25.70
CA PRO A 168 -10.84 -10.43 -24.87
C PRO A 168 -10.22 -10.40 -23.45
N ALA A 169 -11.05 -10.13 -22.44
CA ALA A 169 -10.58 -10.16 -21.06
C ALA A 169 -9.95 -11.54 -20.72
N TYR A 170 -8.79 -11.52 -20.07
CA TYR A 170 -8.13 -12.81 -19.81
C TYR A 170 -7.01 -12.65 -18.78
N THR A 171 -6.88 -13.64 -17.91
CA THR A 171 -5.75 -13.69 -16.96
C THR A 171 -5.58 -15.08 -16.42
N GLU A 172 -4.33 -15.47 -16.23
CA GLU A 172 -4.01 -16.77 -15.65
C GLU A 172 -3.80 -16.67 -14.13
N MET A 173 -3.91 -15.46 -13.59
CA MET A 173 -3.68 -15.23 -12.16
C MET A 173 -4.92 -14.74 -11.44
N SER A 174 -5.48 -15.64 -10.64
CA SER A 174 -6.71 -15.28 -9.94
C SER A 174 -6.77 -16.12 -8.69
N LEU A 175 -7.70 -15.74 -7.83
CA LEU A 175 -7.99 -16.40 -6.57
C LEU A 175 -9.46 -16.79 -6.72
N PHE A 176 -9.77 -18.08 -6.58
CA PHE A 176 -11.15 -18.54 -6.72
C PHE A 176 -11.53 -19.77 -5.89
N ALA A 177 -12.83 -19.99 -5.64
CA ALA A 177 -13.25 -21.20 -4.95
C ALA A 177 -13.83 -22.14 -6.02
N ARG A 178 -13.61 -23.44 -5.85
CA ARG A 178 -14.07 -24.46 -6.77
C ARG A 178 -14.68 -25.60 -5.93
N ILE A 179 -15.85 -26.09 -6.32
CA ILE A 179 -16.48 -27.24 -5.67
C ILE A 179 -15.85 -28.40 -6.46
N ASN A 180 -15.06 -29.25 -5.79
CA ASN A 180 -14.42 -30.32 -6.51
C ASN A 180 -15.34 -31.55 -6.77
N GLU A 181 -14.77 -32.60 -7.37
CA GLU A 181 -15.48 -33.86 -7.71
C GLU A 181 -16.20 -34.50 -6.56
N ASP A 182 -15.64 -34.31 -5.37
CA ASP A 182 -16.19 -34.87 -4.16
C ASP A 182 -17.22 -33.95 -3.60
N GLY A 183 -17.43 -32.82 -4.27
CA GLY A 183 -18.42 -31.88 -3.73
C GLY A 183 -17.85 -31.00 -2.63
N LYS A 184 -16.52 -31.05 -2.43
CA LYS A 184 -15.84 -30.23 -1.44
C LYS A 184 -15.48 -28.78 -1.93
N LEU A 185 -15.96 -27.75 -1.23
CA LEU A 185 -15.62 -26.38 -1.60
C LEU A 185 -14.10 -26.17 -1.27
N THR A 186 -13.30 -25.76 -2.26
CA THR A 186 -11.86 -25.55 -2.10
C THR A 186 -11.44 -24.12 -2.55
N LEU A 187 -10.47 -23.48 -1.86
CA LEU A 187 -9.99 -22.14 -2.23
C LEU A 187 -8.67 -22.32 -2.97
N VAL A 188 -8.52 -21.71 -4.14
CA VAL A 188 -7.35 -21.89 -4.96
C VAL A 188 -6.72 -20.52 -5.20
N ASN A 189 -5.51 -20.33 -4.70
CA ASN A 189 -4.82 -19.05 -4.86
C ASN A 189 -3.81 -19.12 -5.95
N HIS A 190 -4.22 -18.76 -7.17
CA HIS A 190 -3.27 -18.72 -8.29
C HIS A 190 -2.94 -17.27 -8.64
N LEU A 191 -2.97 -16.40 -7.63
CA LEU A 191 -2.66 -14.99 -7.89
C LEU A 191 -1.15 -14.69 -8.13
N GLY A 192 -0.30 -15.60 -7.69
CA GLY A 192 1.13 -15.33 -7.78
C GLY A 192 1.47 -14.28 -6.70
N ILE A 193 0.72 -14.33 -5.60
CA ILE A 193 0.92 -13.44 -4.45
C ILE A 193 0.76 -14.27 -3.19
N ASP A 194 1.75 -14.23 -2.31
CA ASP A 194 1.73 -14.99 -1.04
C ASP A 194 0.76 -14.35 -0.08
N LEU A 195 -0.28 -15.09 0.29
CA LEU A 195 -1.32 -14.51 1.11
C LEU A 195 -1.63 -15.26 2.35
N GLY A 196 -1.02 -16.43 2.52
CA GLY A 196 -1.30 -17.21 3.71
C GLY A 196 -1.69 -18.62 3.34
N GLU A 197 -2.02 -19.38 4.38
CA GLU A 197 -2.39 -20.78 4.23
C GLU A 197 -3.88 -21.09 4.45
N THR A 198 -4.56 -20.36 5.30
CA THR A 198 -5.97 -20.70 5.47
C THR A 198 -6.85 -19.65 4.75
N PRO A 199 -8.15 -19.93 4.62
CA PRO A 199 -9.07 -18.99 3.98
C PRO A 199 -9.09 -17.75 4.85
N GLU A 200 -9.13 -17.93 6.17
CA GLU A 200 -9.15 -16.76 7.04
C GLU A 200 -7.96 -15.86 6.82
N GLN A 201 -6.79 -16.45 6.65
CA GLN A 201 -5.59 -15.63 6.47
C GLN A 201 -5.58 -14.93 5.12
N ILE A 202 -5.85 -15.70 4.08
CA ILE A 202 -5.79 -15.16 2.72
C ILE A 202 -6.82 -14.08 2.51
N LEU A 203 -8.04 -14.37 2.90
CA LEU A 203 -9.12 -13.43 2.65
C LEU A 203 -9.04 -12.21 3.54
N SER A 204 -8.54 -12.36 4.77
CA SER A 204 -8.41 -11.18 5.64
C SER A 204 -7.28 -10.31 5.13
N LYS A 205 -6.19 -10.93 4.69
CA LYS A 205 -5.09 -10.12 4.20
C LYS A 205 -5.64 -9.22 3.06
N LEU A 206 -6.45 -9.81 2.17
CA LEU A 206 -7.01 -9.04 1.08
C LEU A 206 -8.10 -8.07 1.54
N ASP A 207 -9.00 -8.50 2.44
CA ASP A 207 -10.04 -7.61 2.98
C ASP A 207 -9.44 -6.38 3.73
N ASP A 208 -8.33 -6.61 4.42
CA ASP A 208 -7.67 -5.55 5.19
C ASP A 208 -6.63 -4.78 4.41
N ASP A 209 -6.54 -5.07 3.13
CA ASP A 209 -5.55 -4.44 2.27
C ASP A 209 -4.15 -4.49 2.88
N ARG A 210 -3.78 -5.63 3.43
CA ARG A 210 -2.45 -5.80 3.97
C ARG A 210 -1.49 -6.44 2.95
N ILE A 211 -1.84 -6.41 1.68
CA ILE A 211 -0.95 -6.92 0.63
C ILE A 211 0.00 -5.77 0.25
N LYS A 212 1.28 -6.07 0.08
CA LYS A 212 2.26 -5.06 -0.34
C LYS A 212 2.99 -5.67 -1.50
N ASP A 213 3.78 -4.88 -2.22
CA ASP A 213 4.50 -5.41 -3.36
C ASP A 213 5.44 -6.55 -2.98
N ASP A 214 5.89 -6.56 -1.74
CA ASP A 214 6.75 -7.63 -1.32
C ASP A 214 6.13 -9.01 -1.33
N ASP A 215 4.81 -9.07 -1.18
CA ASP A 215 4.08 -10.36 -1.22
C ASP A 215 3.96 -10.93 -2.67
N VAL A 216 4.14 -10.06 -3.66
CA VAL A 216 3.96 -10.39 -5.07
C VAL A 216 5.06 -11.17 -5.78
N ARG A 217 4.71 -12.22 -6.52
CA ARG A 217 5.71 -12.99 -7.25
C ARG A 217 5.64 -12.63 -8.74
N HIS A 218 6.77 -12.71 -9.44
CA HIS A 218 6.79 -12.38 -10.89
C HIS A 218 7.24 -13.64 -11.63
N ASP A 219 6.32 -14.31 -12.32
CA ASP A 219 6.69 -15.57 -12.95
C ASP A 219 6.33 -15.91 -14.38
N GLY A 220 6.14 -14.96 -15.26
CA GLY A 220 5.87 -15.45 -16.61
C GLY A 220 4.44 -15.85 -17.00
N ARG A 221 3.50 -15.95 -16.06
CA ARG A 221 2.13 -16.25 -16.47
C ARG A 221 1.63 -14.93 -17.02
N HIS A 222 0.53 -14.96 -17.75
CA HIS A 222 0.06 -13.76 -18.41
C HIS A 222 -1.14 -13.16 -17.74
N ALA A 223 -1.13 -11.85 -17.59
CA ALA A 223 -2.22 -11.17 -16.89
C ALA A 223 -3.06 -10.34 -17.88
N HIS A 224 -2.95 -10.71 -19.16
CA HIS A 224 -3.76 -10.20 -20.25
C HIS A 224 -3.56 -11.15 -21.45
N ASP A 225 -4.35 -10.97 -22.50
CA ASP A 225 -4.19 -11.81 -23.70
C ASP A 225 -2.97 -11.30 -24.50
N TYR A 226 -1.85 -11.98 -24.37
CA TYR A 226 -0.66 -11.60 -25.11
C TYR A 226 -0.84 -11.83 -26.61
N ASP A 227 -0.29 -10.96 -27.42
CA ASP A 227 -0.35 -11.21 -28.86
C ASP A 227 -1.71 -11.19 -29.59
N TYR A 228 -2.77 -10.74 -28.93
CA TYR A 228 -4.03 -10.61 -29.67
C TYR A 228 -3.61 -9.64 -30.79
N VAL A 229 -2.68 -8.74 -30.46
CA VAL A 229 -2.17 -7.77 -31.43
C VAL A 229 -1.80 -8.46 -32.74
N HIS A 230 -1.16 -9.62 -32.61
CA HIS A 230 -0.71 -10.41 -33.74
C HIS A 230 -1.88 -11.10 -34.41
N ARG A 231 -2.70 -11.74 -33.61
CA ARG A 231 -3.84 -12.43 -34.13
C ARG A 231 -4.80 -11.48 -34.85
N VAL A 232 -5.02 -10.28 -34.33
CA VAL A 232 -5.96 -9.37 -34.94
C VAL A 232 -5.48 -8.84 -36.27
N ARG A 233 -4.15 -8.82 -36.48
CA ARG A 233 -3.59 -8.31 -37.74
C ARG A 233 -3.53 -9.35 -38.88
N ASP A 234 -3.66 -10.62 -38.53
CA ASP A 234 -3.62 -11.72 -39.47
C ASP A 234 -4.90 -11.82 -40.30
N ILE A 235 -5.08 -10.92 -41.25
CA ILE A 235 -6.27 -10.89 -42.11
C ILE A 235 -6.38 -12.06 -43.12
N GLU A 236 -5.40 -12.95 -43.13
CA GLU A 236 -5.43 -14.10 -44.02
C GLU A 236 -5.83 -15.36 -43.26
N ALA A 237 -6.03 -15.24 -41.95
CA ALA A 237 -6.47 -16.41 -41.18
C ALA A 237 -7.95 -16.63 -41.48
N ASP A 238 -8.31 -17.90 -41.54
CA ASP A 238 -9.67 -18.34 -41.84
C ASP A 238 -10.51 -18.76 -40.64
N THR A 239 -10.16 -18.18 -39.49
CA THR A 239 -10.88 -18.38 -38.25
C THR A 239 -11.03 -16.96 -37.65
N PRO A 240 -11.99 -16.77 -36.71
CA PRO A 240 -12.16 -15.42 -36.14
C PRO A 240 -11.03 -15.04 -35.16
N ALA A 241 -10.96 -13.75 -34.89
CA ALA A 241 -10.01 -13.15 -34.00
C ALA A 241 -10.28 -13.56 -32.57
N ARG A 242 -11.55 -13.69 -32.20
CA ARG A 242 -11.89 -14.06 -30.82
C ARG A 242 -13.32 -14.48 -30.77
N TYR A 243 -13.64 -15.44 -29.91
CA TYR A 243 -15.00 -15.91 -29.78
C TYR A 243 -15.02 -16.64 -28.48
N ASN A 244 -16.17 -16.68 -27.82
CA ASN A 244 -16.30 -17.30 -26.51
C ASN A 244 -15.84 -18.73 -26.31
N ALA A 245 -16.02 -19.59 -27.31
CA ALA A 245 -15.60 -21.01 -27.17
C ALA A 245 -14.12 -21.22 -27.57
N ASP A 246 -13.39 -20.12 -27.78
CA ASP A 246 -11.99 -20.21 -28.17
C ASP A 246 -11.26 -20.88 -26.98
N PRO A 247 -10.77 -22.13 -27.17
CA PRO A 247 -10.07 -22.80 -26.05
C PRO A 247 -8.83 -22.11 -25.48
N ASP A 248 -8.10 -21.29 -26.26
CA ASP A 248 -6.92 -20.67 -25.71
C ASP A 248 -7.19 -19.53 -24.72
N ARG A 249 -8.43 -19.07 -24.63
CA ARG A 249 -8.76 -18.00 -23.71
C ARG A 249 -9.58 -18.53 -22.54
N LEU A 250 -9.79 -19.86 -22.47
CA LEU A 250 -10.57 -20.47 -21.37
C LEU A 250 -9.53 -20.96 -20.41
N PHE A 251 -9.34 -20.27 -19.29
CA PHE A 251 -8.32 -20.76 -18.43
C PHE A 251 -8.84 -20.97 -17.04
N GLU A 252 -8.91 -20.06 -16.14
CA GLU A 252 -9.47 -20.76 -14.90
C GLU A 252 -10.69 -19.92 -14.66
N SER A 253 -10.42 -18.76 -14.08
CA SER A 253 -11.45 -17.76 -13.90
C SER A 253 -11.83 -17.18 -15.28
N SER A 254 -10.90 -17.16 -16.23
CA SER A 254 -11.15 -16.61 -17.57
C SER A 254 -12.11 -17.50 -18.33
N GLY A 255 -13.29 -16.94 -18.63
CA GLY A 255 -14.31 -17.68 -19.32
C GLY A 255 -15.05 -18.63 -18.42
N CYS A 256 -14.85 -18.59 -17.11
CA CYS A 256 -15.52 -19.58 -16.25
C CYS A 256 -17.07 -19.49 -16.25
N ALA A 257 -17.62 -18.33 -16.65
CA ALA A 257 -19.09 -18.13 -16.72
C ALA A 257 -19.83 -18.49 -15.43
N GLY A 258 -19.23 -18.21 -14.28
CA GLY A 258 -19.93 -18.52 -13.06
C GLY A 258 -19.70 -19.96 -12.58
N LYS A 259 -18.88 -20.75 -13.26
CA LYS A 259 -18.65 -22.14 -12.83
C LYS A 259 -17.66 -22.25 -11.66
N LEU A 260 -17.03 -21.14 -11.32
CA LEU A 260 -16.14 -21.05 -10.17
C LEU A 260 -16.62 -19.81 -9.45
N ALA A 261 -16.17 -19.60 -8.22
CA ALA A 261 -16.50 -18.36 -7.51
C ALA A 261 -15.17 -17.58 -7.59
N VAL A 262 -15.10 -16.50 -8.39
CA VAL A 262 -13.87 -15.72 -8.53
C VAL A 262 -13.80 -14.63 -7.46
N PHE A 263 -12.80 -14.72 -6.56
CA PHE A 263 -12.60 -13.77 -5.47
C PHE A 263 -11.73 -12.56 -5.85
N ALA A 264 -10.76 -12.78 -6.75
CA ALA A 264 -9.85 -11.71 -7.16
C ALA A 264 -9.14 -12.11 -8.43
N VAL A 265 -8.70 -11.10 -9.18
CA VAL A 265 -7.94 -11.31 -10.39
C VAL A 265 -6.81 -10.30 -10.38
N ARG A 266 -5.67 -10.76 -10.88
CA ARG A 266 -4.50 -9.92 -11.03
C ARG A 266 -4.45 -9.65 -12.55
N LEU A 267 -4.52 -8.37 -12.94
CA LEU A 267 -4.57 -7.98 -14.34
C LEU A 267 -3.55 -6.90 -14.70
N ASP A 268 -3.05 -6.97 -15.94
CA ASP A 268 -2.18 -5.93 -16.48
C ASP A 268 -3.03 -4.70 -16.84
N THR A 269 -2.46 -3.50 -16.67
CA THR A 269 -3.10 -2.27 -17.10
C THR A 269 -2.12 -1.83 -18.21
N PHE A 270 -2.41 -0.72 -18.87
CA PHE A 270 -1.61 -0.26 -19.98
C PHE A 270 -1.32 1.20 -19.90
N GLU A 271 -0.22 1.62 -20.50
CA GLU A 271 0.10 3.04 -20.53
C GLU A 271 -1.05 3.83 -21.21
N ALA A 272 -1.45 4.95 -20.62
CA ALA A 272 -2.50 5.74 -21.19
C ALA A 272 -2.09 6.18 -22.57
N GLU A 273 -3.06 6.21 -23.48
CA GLU A 273 -2.85 6.60 -24.87
C GLU A 273 -2.79 8.11 -25.08
N LYS A 274 -1.64 8.55 -25.59
CA LYS A 274 -1.34 9.97 -25.89
C LYS A 274 -2.42 11.02 -26.23
N ASN A 275 -2.74 11.18 -27.51
CA ASN A 275 -3.70 12.23 -27.89
C ASN A 275 -4.66 11.64 -28.92
N GLN A 276 -5.80 11.20 -28.42
CA GLN A 276 -6.80 10.52 -29.24
C GLN A 276 -7.67 11.40 -30.12
N GLN A 277 -7.93 10.88 -31.32
CA GLN A 277 -8.77 11.55 -32.30
C GLN A 277 -9.70 10.53 -32.93
N VAL A 278 -10.95 10.90 -33.05
CA VAL A 278 -11.94 10.04 -33.65
C VAL A 278 -12.13 10.51 -35.09
N PHE A 279 -12.13 9.58 -36.01
CA PHE A 279 -12.37 9.90 -37.41
C PHE A 279 -13.70 9.25 -37.74
N TYR A 280 -14.71 10.07 -38.05
CA TYR A 280 -16.04 9.59 -38.39
C TYR A 280 -16.13 9.31 -39.90
N ILE A 281 -16.13 8.04 -40.23
CA ILE A 281 -16.15 7.57 -41.62
C ILE A 281 -17.53 7.05 -42.02
N GLY A 282 -18.00 7.45 -43.20
CA GLY A 282 -19.29 6.98 -43.64
C GLY A 282 -19.17 6.54 -45.08
N THR A 283 -19.93 5.53 -45.47
CA THR A 283 -19.91 5.05 -46.85
C THR A 283 -21.20 4.28 -47.16
N ASN A 284 -21.53 4.14 -48.44
CA ASN A 284 -22.71 3.36 -48.82
C ASN A 284 -22.27 2.03 -49.41
N GLN A 285 -20.96 1.84 -49.55
CA GLN A 285 -20.46 0.56 -50.09
C GLN A 285 -19.72 -0.27 -49.01
N PRO A 286 -20.26 -1.45 -48.60
CA PRO A 286 -19.60 -2.27 -47.57
C PRO A 286 -18.12 -2.53 -47.86
N GLU A 287 -17.79 -2.66 -49.14
CA GLU A 287 -16.42 -2.96 -49.54
C GLU A 287 -15.39 -1.84 -49.18
N VAL A 288 -15.84 -0.58 -49.14
CA VAL A 288 -14.96 0.53 -48.76
C VAL A 288 -14.54 0.39 -47.27
N LEU A 289 -15.44 -0.06 -46.37
CA LEU A 289 -15.07 -0.26 -44.96
C LEU A 289 -14.18 -1.49 -44.91
N THR A 290 -14.45 -2.50 -45.76
CA THR A 290 -13.63 -3.75 -45.75
C THR A 290 -12.16 -3.48 -46.05
N GLU A 291 -11.92 -2.55 -46.96
CA GLU A 291 -10.55 -2.21 -47.32
C GLU A 291 -9.87 -1.29 -46.25
N ILE A 292 -10.64 -0.42 -45.58
CA ILE A 292 -10.08 0.40 -44.53
C ILE A 292 -9.53 -0.59 -43.53
N ARG A 293 -10.38 -1.51 -43.05
CA ARG A 293 -9.89 -2.50 -42.09
C ARG A 293 -8.67 -3.25 -42.57
N ARG A 294 -8.77 -3.83 -43.75
CA ARG A 294 -7.68 -4.65 -44.25
C ARG A 294 -6.39 -3.87 -44.47
N HIS A 295 -6.52 -2.64 -44.93
CA HIS A 295 -5.31 -1.85 -45.16
C HIS A 295 -4.69 -1.46 -43.79
N ILE A 296 -5.49 -0.96 -42.87
CA ILE A 296 -4.94 -0.60 -41.54
C ILE A 296 -4.26 -1.81 -40.87
N LEU A 297 -4.96 -2.93 -40.84
CA LEU A 297 -4.44 -4.12 -40.18
C LEU A 297 -3.17 -4.62 -40.77
N ALA A 298 -3.09 -4.54 -42.09
CA ALA A 298 -1.89 -5.04 -42.75
C ALA A 298 -0.80 -4.00 -42.84
N ASN A 299 -1.20 -2.74 -43.02
CA ASN A 299 -0.21 -1.70 -43.24
C ASN A 299 0.03 -0.60 -42.23
N PHE A 300 -0.86 -0.31 -41.29
CA PHE A 300 -0.59 0.79 -40.39
C PHE A 300 0.50 0.37 -39.41
N GLU A 301 1.28 1.32 -38.93
CA GLU A 301 2.29 0.97 -37.94
C GLU A 301 1.53 1.04 -36.66
N ASN A 302 0.57 1.96 -36.61
CA ASN A 302 -0.24 2.19 -35.42
C ASN A 302 -1.67 1.60 -35.50
N LEU A 303 -1.96 0.63 -34.64
CA LEU A 303 -3.30 0.05 -34.65
C LEU A 303 -4.22 1.04 -34.04
N PRO A 304 -5.48 1.02 -34.49
CA PRO A 304 -6.34 2.00 -33.83
C PRO A 304 -6.60 1.56 -32.37
N VAL A 305 -7.20 2.47 -31.60
CA VAL A 305 -7.57 2.21 -30.24
C VAL A 305 -8.93 1.50 -30.38
N ALA A 306 -9.79 2.06 -31.22
CA ALA A 306 -11.14 1.48 -31.43
C ALA A 306 -11.59 1.70 -32.88
N GLY A 307 -12.49 0.83 -33.35
CA GLY A 307 -13.03 0.95 -34.69
C GLY A 307 -14.41 0.29 -34.62
N GLU A 308 -15.41 1.09 -34.29
CA GLU A 308 -16.78 0.70 -34.09
C GLU A 308 -17.65 0.99 -35.27
N TYR A 309 -18.41 -0.03 -35.66
CA TYR A 309 -19.28 0.07 -36.83
C TYR A 309 -20.71 0.25 -36.43
N MET A 310 -21.46 1.07 -37.18
CA MET A 310 -22.88 1.34 -36.93
C MET A 310 -23.60 1.48 -38.27
N HIS A 311 -24.62 0.65 -38.46
CA HIS A 311 -25.39 0.75 -39.67
C HIS A 311 -26.47 1.83 -39.36
N ARG A 312 -26.93 2.50 -40.41
CA ARG A 312 -27.95 3.55 -40.28
C ARG A 312 -29.26 3.19 -39.54
N ASP A 313 -29.87 2.05 -39.86
CA ASP A 313 -31.13 1.70 -39.22
C ASP A 313 -30.94 1.63 -37.70
N ILE A 314 -29.89 0.97 -37.26
CA ILE A 314 -29.63 0.91 -35.83
C ILE A 314 -29.27 2.33 -35.39
N TYR A 315 -28.70 3.11 -36.28
CA TYR A 315 -28.36 4.48 -35.94
C TYR A 315 -29.63 5.27 -35.56
N ASP A 316 -30.62 5.25 -36.47
CA ASP A 316 -31.90 5.96 -36.30
C ASP A 316 -32.64 5.53 -35.05
N ILE A 317 -32.78 4.23 -34.84
CA ILE A 317 -33.48 3.72 -33.66
C ILE A 317 -32.73 4.04 -32.34
N ALA A 318 -31.40 4.02 -32.37
CA ALA A 318 -30.59 4.33 -31.20
C ALA A 318 -30.85 5.81 -30.88
N GLU A 319 -31.05 6.61 -31.93
CA GLU A 319 -31.34 8.03 -31.82
C GLU A 319 -32.69 8.25 -31.11
N LEU A 377 -27.13 13.49 -33.32
CA LEU A 377 -27.71 14.81 -32.90
C LEU A 377 -26.69 15.55 -32.03
N PRO A 378 -25.56 16.06 -32.62
CA PRO A 378 -24.50 16.45 -33.56
C PRO A 378 -24.70 16.56 -35.09
N PRO A 379 -25.04 17.76 -35.55
CA PRO A 379 -25.29 18.07 -36.97
C PRO A 379 -24.37 17.36 -38.03
N ARG A 380 -23.06 17.28 -37.82
CA ARG A 380 -22.26 16.56 -38.81
C ARG A 380 -22.60 15.06 -38.86
N MET A 381 -23.01 14.49 -37.74
CA MET A 381 -23.37 13.08 -37.67
C MET A 381 -24.73 12.91 -38.37
N LYS A 382 -25.62 13.89 -38.20
CA LYS A 382 -26.92 13.87 -38.83
C LYS A 382 -26.69 13.91 -40.32
N ASN A 383 -25.70 14.69 -40.73
CA ASN A 383 -25.40 14.78 -42.16
C ASN A 383 -24.91 13.43 -42.68
N TRP A 384 -24.01 12.80 -41.94
CA TRP A 384 -23.44 11.50 -42.30
C TRP A 384 -24.49 10.39 -42.30
N ARG A 385 -25.41 10.48 -41.36
CA ARG A 385 -26.48 9.52 -41.28
C ARG A 385 -27.27 9.65 -42.59
N ASP A 386 -27.59 10.89 -42.98
CA ASP A 386 -28.36 11.10 -44.21
C ASP A 386 -27.63 10.70 -45.47
N LYS A 387 -26.32 10.92 -45.51
CA LYS A 387 -25.55 10.57 -46.70
C LYS A 387 -25.06 9.10 -46.80
N TYR A 388 -24.74 8.49 -45.66
CA TYR A 388 -24.14 7.15 -45.63
C TYR A 388 -24.80 6.08 -44.75
N GLU A 389 -25.00 4.90 -45.32
CA GLU A 389 -25.66 3.79 -44.62
C GLU A 389 -24.73 3.08 -43.62
N HIS A 390 -23.44 3.06 -43.94
CA HIS A 390 -22.43 2.42 -43.13
C HIS A 390 -21.48 3.42 -42.46
N HIS A 391 -21.41 3.40 -41.14
CA HIS A 391 -20.51 4.31 -40.41
C HIS A 391 -19.45 3.53 -39.63
N LEU A 392 -18.23 4.07 -39.63
CA LEU A 392 -17.10 3.47 -38.93
C LEU A 392 -16.49 4.55 -38.05
N LEU A 393 -16.53 4.33 -36.73
CA LEU A 393 -15.96 5.31 -35.78
C LEU A 393 -14.55 4.85 -35.49
N LEU A 394 -13.60 5.44 -36.21
CA LEU A 394 -12.22 5.06 -36.04
C LEU A 394 -11.44 6.00 -35.08
N LYS A 395 -11.09 5.48 -33.90
CA LYS A 395 -10.35 6.23 -32.88
C LYS A 395 -8.88 5.88 -32.94
N MET A 396 -8.04 6.87 -33.19
CA MET A 396 -6.61 6.62 -33.25
C MET A 396 -6.02 7.40 -32.09
N ALA A 397 -4.75 7.16 -31.80
CA ALA A 397 -4.07 7.83 -30.68
C ALA A 397 -2.61 8.02 -31.04
N GLY A 398 -1.91 8.91 -30.34
CA GLY A 398 -0.50 9.08 -30.63
C GLY A 398 -0.28 9.39 -32.10
N ASP A 399 0.67 8.69 -32.71
CA ASP A 399 0.96 8.90 -34.12
C ASP A 399 -0.14 8.37 -35.08
N GLY A 400 -0.90 7.37 -34.66
CA GLY A 400 -1.90 6.83 -35.54
C GLY A 400 -2.81 7.91 -36.04
N VAL A 401 -2.95 8.99 -35.28
CA VAL A 401 -3.80 10.09 -35.70
C VAL A 401 -3.35 10.64 -37.06
N GLY A 402 -2.05 10.97 -37.18
CA GLY A 402 -1.53 11.51 -38.41
C GLY A 402 -1.51 10.45 -39.49
N GLU A 403 -1.26 9.23 -39.07
CA GLU A 403 -1.24 8.14 -40.04
C GLU A 403 -2.62 7.94 -40.65
N ALA A 404 -3.65 7.92 -39.83
CA ALA A 404 -5.01 7.71 -40.30
C ALA A 404 -5.49 8.92 -41.12
N LYS A 405 -5.19 10.12 -40.63
CA LYS A 405 -5.66 11.31 -41.34
C LYS A 405 -5.11 11.40 -42.75
N SER A 406 -3.84 11.06 -42.89
CA SER A 406 -3.22 11.14 -44.20
C SER A 406 -3.74 10.07 -45.13
N TRP A 407 -3.77 8.83 -44.65
CA TRP A 407 -4.27 7.77 -45.50
C TRP A 407 -5.78 7.97 -45.87
N LEU A 408 -6.65 8.33 -44.92
CA LEU A 408 -8.05 8.55 -45.27
C LEU A 408 -8.26 9.70 -46.29
N VAL A 409 -7.48 10.77 -46.17
CA VAL A 409 -7.61 11.87 -47.14
C VAL A 409 -7.37 11.32 -48.54
N ASP A 410 -6.30 10.56 -48.73
CA ASP A 410 -6.04 9.95 -50.02
C ASP A 410 -7.06 8.91 -50.45
N TYR A 411 -7.35 7.98 -49.57
CA TYR A 411 -8.32 6.94 -49.84
C TYR A 411 -9.68 7.52 -50.28
N PHE A 412 -10.17 8.53 -49.59
CA PHE A 412 -11.47 9.04 -49.97
C PHE A 412 -11.51 9.99 -51.19
N LYS A 413 -10.38 10.19 -51.81
CA LYS A 413 -10.43 11.01 -53.00
C LYS A 413 -10.86 10.02 -54.09
N GLN A 414 -10.77 8.73 -53.79
CA GLN A 414 -11.12 7.68 -54.74
C GLN A 414 -12.34 6.83 -54.33
N ALA A 415 -12.36 6.40 -53.06
CA ALA A 415 -13.42 5.55 -52.53
C ALA A 415 -14.73 6.30 -52.33
N GLU A 416 -15.85 5.63 -52.55
CA GLU A 416 -17.14 6.31 -52.46
C GLU A 416 -17.53 7.29 -51.32
N GLY A 417 -17.45 6.90 -50.05
CA GLY A 417 -17.88 7.86 -49.01
C GLY A 417 -17.06 9.11 -48.62
N ASP A 418 -17.09 9.45 -47.34
CA ASP A 418 -16.37 10.64 -46.83
C ASP A 418 -16.16 10.51 -45.32
N PHE A 419 -15.40 11.43 -44.75
CA PHE A 419 -15.10 11.37 -43.33
C PHE A 419 -14.79 12.73 -42.75
N PHE A 420 -14.89 12.85 -41.44
CA PHE A 420 -14.55 14.09 -40.84
C PHE A 420 -13.79 13.80 -39.55
N VAL A 421 -13.07 14.81 -39.05
CA VAL A 421 -12.28 14.67 -37.84
C VAL A 421 -13.12 15.25 -36.72
N CYS A 422 -13.48 14.41 -35.78
CA CYS A 422 -14.34 14.86 -34.71
C CYS A 422 -13.77 15.91 -33.77
N THR A 423 -14.70 16.68 -33.25
CA THR A 423 -14.42 17.65 -32.23
C THR A 423 -14.65 16.80 -31.00
N PRO A 424 -13.95 17.08 -29.91
CA PRO A 424 -14.13 16.31 -28.67
C PRO A 424 -15.60 15.93 -28.41
N GLU A 425 -16.49 16.90 -28.59
CA GLU A 425 -17.92 16.68 -28.38
C GLU A 425 -18.50 15.70 -29.39
N GLU A 426 -18.11 15.82 -30.65
CA GLU A 426 -18.63 14.91 -31.67
C GLU A 426 -18.17 13.50 -31.33
N GLY A 427 -16.86 13.34 -31.15
CA GLY A 427 -16.27 12.07 -30.80
C GLY A 427 -16.91 11.38 -29.60
N SER A 428 -17.17 12.09 -28.50
CA SER A 428 -17.78 11.43 -27.35
C SER A 428 -19.23 11.12 -27.62
N LYS A 429 -19.96 12.03 -28.25
CA LYS A 429 -21.34 11.73 -28.54
C LYS A 429 -21.45 10.54 -29.57
N ALA A 430 -20.47 10.40 -30.45
CA ALA A 430 -20.51 9.32 -31.44
C ALA A 430 -20.38 7.97 -30.71
N PHE A 431 -19.44 7.88 -29.78
CA PHE A 431 -19.26 6.65 -29.07
C PHE A 431 -20.41 6.38 -28.13
N LEU A 432 -20.95 7.41 -27.53
CA LEU A 432 -22.05 7.24 -26.64
C LEU A 432 -23.26 6.70 -27.42
N HIS A 433 -23.38 7.16 -28.67
CA HIS A 433 -24.45 6.76 -29.55
C HIS A 433 -24.24 5.28 -29.95
N ARG A 434 -23.03 4.93 -30.38
CA ARG A 434 -22.74 3.55 -30.76
C ARG A 434 -23.06 2.64 -29.58
N PHE A 435 -22.55 2.93 -28.39
CA PHE A 435 -22.89 2.12 -27.21
C PHE A 435 -24.35 2.52 -27.04
N ALA A 436 -25.18 1.72 -26.42
CA ALA A 436 -26.62 2.14 -26.43
C ALA A 436 -27.29 1.53 -27.65
N ALA A 437 -26.50 1.04 -28.60
CA ALA A 437 -27.14 0.42 -29.73
C ALA A 437 -28.01 -0.73 -29.18
N ALA A 438 -27.45 -1.53 -28.27
CA ALA A 438 -28.14 -2.69 -27.74
C ALA A 438 -29.43 -2.37 -27.02
N GLY A 439 -29.36 -1.35 -26.17
CA GLY A 439 -30.51 -0.93 -25.40
C GLY A 439 -31.61 -0.50 -26.34
N ALA A 440 -31.23 0.09 -27.46
CA ALA A 440 -32.15 0.57 -28.47
C ALA A 440 -33.17 -0.45 -28.95
N ALA A 441 -32.69 -1.49 -29.64
CA ALA A 441 -33.55 -2.54 -30.16
C ALA A 441 -34.53 -3.00 -29.08
N ILE A 442 -34.02 -3.14 -27.87
CA ILE A 442 -34.83 -3.56 -26.74
C ILE A 442 -36.01 -2.60 -26.55
N ARG A 443 -35.73 -1.31 -26.60
CA ARG A 443 -36.77 -0.31 -26.43
C ARG A 443 -37.66 -0.17 -27.67
N TYR A 444 -37.16 -0.45 -28.85
CA TYR A 444 -38.03 -0.35 -30.01
C TYR A 444 -39.10 -1.42 -29.89
N GLN A 445 -38.69 -2.54 -29.30
CA GLN A 445 -39.55 -3.70 -29.11
C GLN A 445 -40.76 -3.35 -28.25
N ALA A 446 -40.47 -2.86 -27.05
CA ALA A 446 -41.49 -2.45 -26.07
C ALA A 446 -42.48 -1.46 -26.65
N VAL A 447 -41.98 -0.59 -27.52
CA VAL A 447 -42.83 0.40 -28.17
C VAL A 447 -43.82 -0.26 -29.10
N HIS A 448 -43.36 -1.24 -29.87
CA HIS A 448 -44.22 -1.93 -30.83
C HIS A 448 -44.62 -3.34 -30.38
N SER A 449 -44.61 -3.55 -29.07
CA SER A 449 -44.92 -4.84 -28.46
C SER A 449 -45.90 -5.81 -29.17
N ASP A 450 -47.18 -5.47 -29.25
CA ASP A 450 -48.16 -6.37 -29.90
C ASP A 450 -48.21 -6.06 -31.40
N GLU A 451 -47.10 -6.23 -32.09
CA GLU A 451 -47.04 -5.94 -33.51
C GLU A 451 -45.79 -6.57 -34.15
N VAL A 452 -44.82 -6.91 -33.33
CA VAL A 452 -43.59 -7.55 -33.79
C VAL A 452 -43.29 -8.65 -32.79
N GLU A 453 -42.67 -9.75 -33.22
CA GLU A 453 -42.33 -10.81 -32.28
C GLU A 453 -41.24 -10.30 -31.34
N ASP A 454 -40.58 -11.20 -30.64
CA ASP A 454 -39.54 -10.75 -29.74
C ASP A 454 -38.27 -10.48 -30.53
N ILE A 455 -37.30 -9.81 -29.91
CA ILE A 455 -36.02 -9.47 -30.56
C ILE A 455 -35.19 -10.75 -30.74
N LEU A 456 -34.62 -10.94 -31.92
CA LEU A 456 -33.74 -12.10 -32.12
C LEU A 456 -32.37 -11.38 -32.14
N ALA A 457 -31.52 -11.64 -31.17
CA ALA A 457 -30.22 -10.96 -31.13
C ALA A 457 -29.14 -12.02 -31.32
N LEU A 458 -28.25 -11.81 -32.29
CA LEU A 458 -27.15 -12.75 -32.49
C LEU A 458 -25.81 -11.97 -32.26
N ASP A 459 -24.80 -12.68 -31.78
CA ASP A 459 -23.48 -12.09 -31.50
C ASP A 459 -22.55 -12.99 -32.29
N ILE A 460 -21.83 -12.44 -33.27
CA ILE A 460 -21.04 -13.28 -34.13
C ILE A 460 -19.63 -12.81 -34.41
N ALA A 461 -18.73 -13.75 -34.69
CA ALA A 461 -17.35 -13.34 -35.00
C ALA A 461 -17.04 -13.99 -36.35
N LEU A 462 -16.74 -13.18 -37.34
CA LEU A 462 -16.44 -13.68 -38.70
C LEU A 462 -15.01 -14.12 -38.86
N ARG A 463 -14.74 -15.00 -39.81
CA ARG A 463 -13.35 -15.45 -40.10
C ARG A 463 -12.56 -14.16 -40.38
N ARG A 464 -11.28 -14.10 -39.97
CA ARG A 464 -10.49 -12.89 -40.17
C ARG A 464 -10.26 -12.54 -41.63
N ASN A 465 -10.40 -13.53 -42.49
CA ASN A 465 -10.17 -13.29 -43.92
C ASN A 465 -11.47 -13.21 -44.69
N ASP A 466 -12.58 -12.96 -43.99
CA ASP A 466 -13.85 -12.91 -44.66
C ASP A 466 -13.82 -11.67 -45.51
N THR A 467 -14.27 -11.84 -46.74
CA THR A 467 -14.28 -10.75 -47.67
C THR A 467 -15.65 -10.07 -47.75
N GLU A 468 -16.69 -10.71 -47.21
CA GLU A 468 -18.03 -10.12 -47.24
C GLU A 468 -18.60 -10.09 -45.82
N TRP A 469 -18.32 -9.04 -45.05
CA TRP A 469 -18.81 -9.00 -43.68
C TRP A 469 -20.29 -8.62 -43.61
N TYR A 470 -20.74 -7.76 -44.50
CA TYR A 470 -22.13 -7.29 -44.50
C TYR A 470 -23.04 -8.42 -45.04
N GLU A 471 -23.92 -8.94 -44.20
CA GLU A 471 -24.70 -10.08 -44.68
C GLU A 471 -25.75 -9.78 -45.73
N HIS A 472 -25.89 -10.72 -46.67
CA HIS A 472 -26.93 -10.68 -47.69
C HIS A 472 -27.66 -11.99 -47.45
N LEU A 473 -28.70 -11.98 -46.61
CA LEU A 473 -29.44 -13.21 -46.32
C LEU A 473 -30.29 -13.77 -47.47
N PRO A 474 -30.63 -15.07 -47.40
CA PRO A 474 -31.47 -15.65 -48.45
C PRO A 474 -32.74 -14.75 -48.52
N PRO A 475 -33.23 -14.48 -49.73
CA PRO A 475 -34.41 -13.64 -49.84
C PRO A 475 -35.57 -14.08 -48.94
N GLU A 476 -35.78 -15.38 -48.77
CA GLU A 476 -36.90 -15.81 -47.93
C GLU A 476 -36.67 -15.54 -46.44
N ILE A 477 -35.42 -15.37 -46.03
CA ILE A 477 -35.16 -15.10 -44.63
C ILE A 477 -35.21 -13.59 -44.49
N ASP A 478 -34.56 -12.88 -45.42
CA ASP A 478 -34.60 -11.43 -45.33
C ASP A 478 -36.02 -10.88 -45.24
N SER A 479 -36.96 -11.48 -45.96
CA SER A 479 -38.35 -11.00 -45.95
C SER A 479 -39.11 -11.17 -44.64
N GLN A 480 -38.58 -11.95 -43.69
CA GLN A 480 -39.27 -12.13 -42.42
C GLN A 480 -38.86 -11.08 -41.40
N LEU A 481 -38.00 -10.17 -41.78
CA LEU A 481 -37.48 -9.16 -40.85
C LEU A 481 -38.07 -7.77 -41.06
N VAL A 482 -38.53 -7.14 -39.98
CA VAL A 482 -39.06 -5.78 -40.13
C VAL A 482 -37.83 -4.88 -40.14
N HIS A 483 -36.93 -5.13 -39.21
CA HIS A 483 -35.67 -4.35 -39.09
C HIS A 483 -34.50 -5.27 -38.85
N LYS A 484 -33.35 -4.82 -39.31
CA LYS A 484 -32.08 -5.55 -39.18
C LYS A 484 -31.12 -4.52 -38.55
N LEU A 485 -30.75 -4.71 -37.29
CA LEU A 485 -29.92 -3.75 -36.60
C LEU A 485 -28.49 -4.29 -36.50
N TYR A 486 -27.54 -3.66 -37.22
CA TYR A 486 -26.12 -4.09 -37.25
C TYR A 486 -25.12 -3.09 -36.66
N TYR A 487 -24.30 -3.55 -35.73
CA TYR A 487 -23.29 -2.71 -35.09
C TYR A 487 -22.25 -3.68 -34.55
N GLY A 488 -21.05 -3.18 -34.27
CA GLY A 488 -20.04 -4.08 -33.76
C GLY A 488 -18.66 -3.45 -33.71
N HIS A 489 -17.67 -4.30 -33.43
CA HIS A 489 -16.24 -3.97 -33.33
C HIS A 489 -15.68 -4.42 -34.65
N PHE A 490 -15.61 -3.44 -35.55
CA PHE A 490 -15.23 -3.75 -36.94
C PHE A 490 -13.86 -4.33 -37.13
N MET A 491 -12.84 -3.76 -36.48
CA MET A 491 -11.52 -4.31 -36.72
C MET A 491 -11.40 -5.79 -36.33
N CYS A 492 -12.15 -6.22 -35.31
CA CYS A 492 -12.09 -7.61 -34.85
C CYS A 492 -13.15 -8.47 -35.57
N TYR A 493 -13.90 -7.87 -36.49
CA TYR A 493 -14.96 -8.57 -37.20
C TYR A 493 -15.95 -9.22 -36.21
N VAL A 494 -16.32 -8.47 -35.18
CA VAL A 494 -17.30 -8.99 -34.21
C VAL A 494 -18.50 -8.12 -34.43
N PHE A 495 -19.64 -8.75 -34.76
CA PHE A 495 -20.84 -8.03 -35.05
C PHE A 495 -22.02 -8.48 -34.18
N HIS A 496 -22.85 -7.51 -33.81
CA HIS A 496 -24.05 -7.81 -33.05
C HIS A 496 -25.14 -7.56 -34.12
N GLN A 497 -26.01 -8.55 -34.33
CA GLN A 497 -27.05 -8.43 -35.33
C GLN A 497 -28.38 -8.71 -34.64
N ASP A 498 -29.15 -7.64 -34.44
CA ASP A 498 -30.45 -7.72 -33.75
C ASP A 498 -31.56 -7.56 -34.80
N TYR A 499 -32.56 -8.41 -34.72
CA TYR A 499 -33.58 -8.37 -35.72
C TYR A 499 -34.94 -8.19 -35.09
N ILE A 500 -35.76 -7.39 -35.74
CA ILE A 500 -37.15 -7.15 -35.29
C ILE A 500 -37.88 -8.04 -36.30
N VAL A 501 -38.52 -9.07 -35.78
CA VAL A 501 -39.17 -10.02 -36.66
C VAL A 501 -40.66 -9.79 -36.78
N LYS A 502 -41.12 -10.00 -38.02
CA LYS A 502 -42.52 -9.87 -38.41
C LYS A 502 -43.43 -10.68 -37.49
N LYS A 503 -44.60 -10.12 -37.15
CA LYS A 503 -45.55 -10.83 -36.30
C LYS A 503 -45.93 -12.14 -37.02
N GLY A 504 -46.09 -13.23 -36.27
CA GLY A 504 -46.43 -14.49 -36.90
C GLY A 504 -45.28 -15.40 -37.32
N VAL A 505 -44.05 -14.89 -37.34
CA VAL A 505 -42.88 -15.66 -37.72
C VAL A 505 -42.41 -16.56 -36.57
N ASP A 506 -41.98 -17.75 -36.91
CA ASP A 506 -41.49 -18.67 -35.93
C ASP A 506 -40.03 -18.24 -35.67
N VAL A 507 -39.80 -17.52 -34.57
CA VAL A 507 -38.43 -17.00 -34.27
C VAL A 507 -37.38 -18.06 -34.07
N HIS A 508 -37.79 -19.11 -33.41
CA HIS A 508 -36.92 -20.23 -33.15
C HIS A 508 -36.44 -20.85 -34.45
N ALA A 509 -37.37 -21.07 -35.40
CA ALA A 509 -37.01 -21.65 -36.71
C ALA A 509 -36.10 -20.69 -37.46
N LEU A 510 -36.43 -19.39 -37.43
CA LEU A 510 -35.60 -18.33 -38.08
C LEU A 510 -34.13 -18.36 -37.55
N LYS A 511 -34.01 -18.42 -36.23
CA LYS A 511 -32.70 -18.44 -35.57
C LYS A 511 -31.94 -19.64 -36.04
N GLU A 512 -32.59 -20.80 -36.05
CA GLU A 512 -31.93 -22.00 -36.49
C GLU A 512 -31.42 -21.87 -37.94
N GLN A 513 -32.20 -21.24 -38.80
CA GLN A 513 -31.79 -21.03 -40.20
C GLN A 513 -30.59 -20.07 -40.26
N MET A 514 -30.66 -19.03 -39.44
CA MET A 514 -29.59 -18.06 -39.44
C MET A 514 -28.29 -18.72 -38.89
N LEU A 515 -28.38 -19.50 -37.81
CA LEU A 515 -27.19 -20.15 -37.30
C LEU A 515 -26.58 -21.09 -38.36
N GLU A 516 -27.40 -21.72 -39.21
CA GLU A 516 -26.85 -22.60 -40.24
C GLU A 516 -26.07 -21.80 -41.27
N LEU A 517 -26.59 -20.63 -41.64
CA LEU A 517 -25.89 -19.80 -42.59
C LEU A 517 -24.54 -19.31 -41.99
N LEU A 518 -24.50 -19.00 -40.69
CA LEU A 518 -23.24 -18.55 -40.08
C LEU A 518 -22.21 -19.67 -40.06
N GLN A 519 -22.65 -20.87 -39.68
CA GLN A 519 -21.70 -21.99 -39.74
C GLN A 519 -21.13 -22.09 -41.15
N GLN A 520 -22.01 -21.97 -42.16
CA GLN A 520 -21.62 -22.06 -43.57
C GLN A 520 -20.64 -20.97 -43.94
N ARG A 521 -20.78 -19.80 -43.31
CA ARG A 521 -19.83 -18.71 -43.54
C ARG A 521 -18.54 -18.89 -42.72
N GLY A 522 -18.45 -19.95 -41.94
CA GLY A 522 -17.26 -20.13 -41.11
C GLY A 522 -17.22 -19.17 -39.91
N ALA A 523 -18.34 -18.52 -39.60
CA ALA A 523 -18.34 -17.61 -38.43
C ALA A 523 -18.48 -18.44 -37.13
N GLN A 524 -18.12 -17.86 -35.98
CA GLN A 524 -18.32 -18.55 -34.69
C GLN A 524 -19.38 -17.69 -33.98
N TYR A 525 -20.16 -18.21 -33.03
CA TYR A 525 -21.15 -17.26 -32.50
C TYR A 525 -21.21 -16.62 -31.17
N PRO A 526 -21.51 -17.33 -30.06
CA PRO A 526 -21.37 -16.08 -29.32
C PRO A 526 -19.88 -15.66 -29.58
N ALA A 527 -19.68 -14.36 -29.84
CA ALA A 527 -18.35 -13.85 -30.07
C ALA A 527 -17.77 -13.37 -28.71
N GLU A 528 -18.51 -12.49 -28.07
CA GLU A 528 -18.14 -11.83 -26.83
C GLU A 528 -19.17 -12.04 -25.73
N HIS A 529 -20.46 -12.01 -26.06
CA HIS A 529 -21.50 -12.11 -25.01
C HIS A 529 -21.37 -13.58 -24.68
N ASN A 530 -21.81 -14.13 -23.64
CA ASN A 530 -21.25 -15.56 -23.72
C ASN A 530 -22.41 -16.48 -24.23
N VAL A 531 -22.32 -17.81 -24.13
CA VAL A 531 -23.45 -18.65 -24.58
C VAL A 531 -24.72 -18.49 -23.71
N GLY A 532 -24.54 -18.22 -22.41
CA GLY A 532 -25.68 -18.05 -21.50
C GLY A 532 -26.66 -19.20 -21.73
N HIS A 533 -27.94 -18.90 -21.97
CA HIS A 533 -28.88 -19.97 -22.27
C HIS A 533 -29.47 -19.80 -23.67
N LEU A 534 -28.77 -19.03 -24.51
CA LEU A 534 -29.24 -18.75 -25.82
C LEU A 534 -28.53 -19.53 -26.87
N TYR A 535 -27.34 -19.99 -26.54
CA TYR A 535 -26.51 -20.75 -27.47
C TYR A 535 -26.04 -22.08 -26.88
N LYS A 536 -25.81 -23.06 -27.74
CA LYS A 536 -25.34 -24.35 -27.30
C LYS A 536 -23.81 -24.25 -27.18
N ALA A 537 -23.30 -24.71 -26.06
CA ALA A 537 -21.89 -24.69 -25.85
C ALA A 537 -21.15 -25.76 -26.69
N PRO A 538 -20.14 -25.34 -27.45
CA PRO A 538 -19.39 -26.32 -28.24
C PRO A 538 -18.67 -27.25 -27.23
N GLU A 539 -18.04 -28.28 -27.76
CA GLU A 539 -17.34 -29.28 -26.95
C GLU A 539 -16.26 -28.66 -26.08
N THR A 540 -15.51 -27.70 -26.62
CA THR A 540 -14.43 -27.05 -25.85
C THR A 540 -15.03 -26.44 -24.58
N LEU A 541 -16.10 -25.69 -24.72
CA LEU A 541 -16.71 -25.07 -23.54
C LEU A 541 -17.30 -26.05 -22.58
N GLN A 542 -18.05 -27.03 -23.09
CA GLN A 542 -18.69 -27.98 -22.19
C GLN A 542 -17.64 -28.67 -21.34
N LYS A 543 -16.57 -29.09 -21.97
CA LYS A 543 -15.48 -29.76 -21.22
C LYS A 543 -14.86 -28.81 -20.18
N PHE A 544 -14.77 -27.53 -20.53
CA PHE A 544 -14.17 -26.57 -19.59
C PHE A 544 -15.13 -26.36 -18.42
N TYR A 545 -16.42 -26.23 -18.72
CA TYR A 545 -17.36 -26.00 -17.66
C TYR A 545 -17.31 -27.14 -16.65
N ARG A 546 -17.22 -28.36 -17.18
CA ARG A 546 -17.24 -29.53 -16.30
C ARG A 546 -16.01 -29.66 -15.42
N GLU A 547 -14.85 -29.40 -16.03
CA GLU A 547 -13.57 -29.41 -15.31
C GLU A 547 -13.65 -28.45 -14.12
N ASN A 548 -14.19 -27.24 -14.34
CA ASN A 548 -14.35 -26.23 -13.27
C ASN A 548 -15.42 -26.57 -12.23
N ASP A 549 -16.53 -27.14 -12.68
CA ASP A 549 -17.68 -27.45 -11.81
C ASP A 549 -18.17 -28.89 -12.05
N PRO A 550 -17.38 -29.88 -11.61
CA PRO A 550 -17.75 -31.31 -11.80
C PRO A 550 -19.10 -31.70 -11.22
N THR A 551 -19.54 -31.02 -10.17
CA THR A 551 -20.82 -31.36 -9.57
C THR A 551 -21.99 -30.55 -10.22
N ASN A 552 -21.67 -29.66 -11.14
CA ASN A 552 -22.70 -28.90 -11.80
C ASN A 552 -23.55 -28.15 -10.79
N SER A 553 -22.89 -27.56 -9.78
CA SER A 553 -23.65 -26.83 -8.78
C SER A 553 -23.52 -25.30 -8.95
N MET A 554 -22.79 -24.87 -9.97
CA MET A 554 -22.62 -23.44 -10.16
C MET A 554 -23.10 -23.03 -11.55
N ASN A 555 -24.16 -22.21 -11.60
CA ASN A 555 -24.79 -21.71 -12.82
C ASN A 555 -24.99 -22.88 -13.82
N PRO A 556 -25.56 -23.97 -13.37
CA PRO A 556 -25.81 -25.23 -14.11
C PRO A 556 -26.06 -25.41 -15.61
N GLY A 557 -27.16 -24.92 -16.14
CA GLY A 557 -27.38 -25.26 -17.56
C GLY A 557 -26.86 -24.39 -18.69
N ILE A 558 -25.94 -23.52 -18.35
CA ILE A 558 -25.32 -22.64 -19.30
C ILE A 558 -24.87 -23.39 -20.57
N GLY A 559 -25.19 -22.85 -21.74
CA GLY A 559 -24.78 -23.46 -23.01
C GLY A 559 -25.67 -24.64 -23.42
N LYS A 560 -26.91 -24.63 -22.91
CA LYS A 560 -27.95 -25.68 -23.18
C LYS A 560 -27.41 -27.02 -22.70
N THR A 561 -26.81 -27.03 -21.52
CA THR A 561 -26.25 -28.27 -21.02
C THR A 561 -27.18 -28.79 -19.94
N SER A 562 -26.88 -29.99 -19.41
CA SER A 562 -27.70 -30.51 -18.33
C SER A 562 -27.73 -29.51 -17.20
N LYS A 563 -28.88 -29.42 -16.54
CA LYS A 563 -29.08 -28.57 -15.39
C LYS A 563 -29.02 -29.38 -14.11
N ARG A 564 -28.76 -30.67 -14.23
CA ARG A 564 -28.76 -31.52 -13.05
C ARG A 564 -27.43 -31.78 -12.38
N LYS A 565 -27.50 -32.05 -11.09
CA LYS A 565 -26.31 -32.33 -10.31
C LYS A 565 -25.46 -33.41 -10.98
N ASN A 566 -24.16 -33.21 -10.88
CA ASN A 566 -23.14 -34.06 -11.47
C ASN A 566 -22.92 -34.15 -12.99
N TRP A 567 -22.67 -32.96 -13.60
CA TRP A 567 -22.33 -32.78 -15.05
C TRP A 567 -21.78 -31.36 -15.41
N ASN B 9 4.55 -3.91 52.91
CA ASN B 9 4.84 -2.64 52.19
C ASN B 9 5.33 -1.50 53.11
N LYS B 10 5.13 -1.66 54.43
CA LYS B 10 5.63 -0.64 55.38
C LYS B 10 7.12 -0.83 55.48
N ALA B 11 7.52 -2.10 55.56
CA ALA B 11 8.93 -2.42 55.68
C ALA B 11 9.70 -1.85 54.50
N PHE B 12 9.20 -2.14 53.30
CA PHE B 12 9.86 -1.65 52.10
C PHE B 12 9.97 -0.14 52.07
N LEU B 13 8.87 0.59 52.16
CA LEU B 13 8.96 2.05 52.11
C LEU B 13 9.78 2.64 53.24
N ASN B 14 9.72 2.01 54.40
CA ASN B 14 10.52 2.47 55.52
C ASN B 14 12.01 2.32 55.15
N GLU B 15 12.32 1.16 54.56
CA GLU B 15 13.70 0.88 54.18
C GLU B 15 14.21 1.91 53.16
N LEU B 16 13.38 2.28 52.20
CA LEU B 16 13.82 3.30 51.23
C LEU B 16 14.16 4.63 51.95
N ALA B 17 13.29 5.04 52.86
CA ALA B 17 13.52 6.32 53.57
C ALA B 17 14.80 6.27 54.43
N ARG B 18 15.08 5.12 55.00
CA ARG B 18 16.28 4.93 55.81
C ARG B 18 17.50 5.10 54.89
N LEU B 19 17.44 4.46 53.71
CA LEU B 19 18.57 4.52 52.74
C LEU B 19 18.83 5.85 52.10
N VAL B 20 17.79 6.53 51.65
CA VAL B 20 18.02 7.79 50.96
C VAL B 20 17.55 9.07 51.66
N GLY B 21 16.79 8.93 52.74
CA GLY B 21 16.32 10.13 53.40
C GLY B 21 14.87 10.34 53.00
N SER B 22 14.02 10.63 53.97
CA SER B 22 12.61 10.82 53.69
C SER B 22 12.36 11.87 52.63
N SER B 23 13.16 12.93 52.56
CA SER B 23 12.98 13.95 51.53
C SER B 23 13.34 13.48 50.10
N HIS B 24 13.82 12.24 49.95
CA HIS B 24 14.19 11.74 48.61
C HIS B 24 13.35 10.55 48.21
N LEU B 25 12.17 10.45 48.80
CA LEU B 25 11.28 9.38 48.46
C LEU B 25 9.94 10.07 48.25
N LEU B 26 9.28 9.85 47.09
CA LEU B 26 7.96 10.44 46.83
C LEU B 26 6.90 9.38 46.56
N THR B 27 5.71 9.54 47.15
CA THR B 27 4.64 8.54 46.94
C THR B 27 3.33 9.20 46.52
N ASP B 28 3.17 10.48 46.81
CA ASP B 28 1.96 11.21 46.46
C ASP B 28 1.81 11.35 44.92
N PRO B 29 0.74 10.76 44.33
CA PRO B 29 0.48 10.83 42.89
C PRO B 29 0.70 12.23 42.33
N ALA B 30 0.19 13.24 43.03
CA ALA B 30 0.40 14.59 42.53
C ALA B 30 1.89 14.93 42.54
N LYS B 31 2.62 14.43 43.54
CA LYS B 31 4.04 14.73 43.64
C LYS B 31 4.90 14.00 42.60
N THR B 32 4.54 12.76 42.30
CA THR B 32 5.29 11.97 41.35
C THR B 32 4.87 12.17 39.88
N ALA B 33 3.75 12.86 39.69
CA ALA B 33 3.22 13.13 38.37
C ALA B 33 4.26 13.42 37.32
N ARG B 34 5.19 14.34 37.59
CA ARG B 34 6.19 14.73 36.61
C ARG B 34 7.21 13.64 36.24
N TYR B 35 7.25 12.55 36.98
CA TYR B 35 8.16 11.43 36.75
C TYR B 35 7.40 10.28 36.13
N ARG B 36 6.08 10.35 36.15
CA ARG B 36 5.27 9.26 35.61
C ARG B 36 4.69 9.59 34.24
N LYS B 37 4.92 10.80 33.78
CA LYS B 37 4.43 11.23 32.48
C LYS B 37 5.58 11.38 31.47
N GLY B 38 5.48 10.69 30.31
CA GLY B 38 6.50 10.75 29.25
C GLY B 38 6.59 12.14 28.65
N PHE B 39 7.73 12.45 28.05
CA PHE B 39 7.97 13.79 27.50
C PHE B 39 6.92 14.12 26.42
N ARG B 40 6.64 13.16 25.54
CA ARG B 40 5.64 13.38 24.47
C ARG B 40 4.33 12.72 24.82
N SER B 41 4.43 11.54 25.41
CA SER B 41 3.26 10.79 25.80
C SER B 41 3.74 9.66 26.69
N GLY B 42 2.80 8.86 27.15
CA GLY B 42 3.13 7.71 27.99
C GLY B 42 2.87 8.08 29.44
N GLN B 43 2.06 7.29 30.15
CA GLN B 43 1.82 7.64 31.54
C GLN B 43 1.24 6.46 32.28
N GLY B 44 1.57 6.39 33.57
CA GLY B 44 1.14 5.27 34.38
C GLY B 44 1.32 5.57 35.85
N ASP B 45 0.94 4.62 36.68
CA ASP B 45 1.03 4.80 38.11
C ASP B 45 2.36 4.23 38.57
N ALA B 46 2.79 4.70 39.73
CA ALA B 46 3.99 4.23 40.35
C ALA B 46 3.79 4.35 41.88
N LEU B 47 4.16 3.28 42.57
CA LEU B 47 4.10 3.25 44.02
C LEU B 47 4.93 4.40 44.49
N ALA B 48 6.13 4.53 43.91
CA ALA B 48 7.03 5.56 44.39
C ALA B 48 8.15 5.95 43.43
N VAL B 49 8.74 7.12 43.69
CA VAL B 49 9.87 7.66 42.96
C VAL B 49 10.96 7.90 44.02
N VAL B 50 12.14 7.30 43.85
CA VAL B 50 13.22 7.44 44.83
C VAL B 50 14.46 8.12 44.15
N PHE B 51 15.16 8.91 44.94
CA PHE B 51 16.25 9.69 44.45
C PHE B 51 17.50 9.42 45.22
N PRO B 52 18.18 8.32 44.89
CA PRO B 52 19.43 7.96 45.59
C PRO B 52 20.52 9.01 45.36
N GLY B 53 21.32 9.28 46.41
CA GLY B 53 22.36 10.31 46.32
C GLY B 53 23.80 9.83 46.07
N SER B 54 24.03 8.52 46.08
CA SER B 54 25.35 7.97 45.79
C SER B 54 25.12 6.64 45.10
N LEU B 55 26.19 6.07 44.52
CA LEU B 55 26.05 4.78 43.83
C LEU B 55 25.75 3.69 44.83
N LEU B 56 26.37 3.78 46.01
CA LEU B 56 26.11 2.75 47.05
C LEU B 56 24.63 2.82 47.50
N GLU B 57 24.03 3.99 47.56
CA GLU B 57 22.59 4.04 47.90
C GLU B 57 21.77 3.45 46.75
N LEU B 58 22.19 3.72 45.51
CA LEU B 58 21.44 3.20 44.36
C LEU B 58 21.45 1.70 44.47
N TRP B 59 22.63 1.13 44.75
CA TRP B 59 22.76 -0.29 44.89
C TRP B 59 21.86 -0.83 46.01
N ARG B 60 21.81 -0.16 47.17
CA ARG B 60 20.95 -0.65 48.27
C ARG B 60 19.44 -0.46 48.02
N VAL B 61 19.09 0.58 47.30
CA VAL B 61 17.70 0.82 46.95
C VAL B 61 17.28 -0.31 45.99
N LEU B 62 18.21 -0.69 45.11
CA LEU B 62 17.91 -1.76 44.14
C LEU B 62 17.60 -3.06 44.91
N LYS B 63 18.49 -3.39 45.86
CA LYS B 63 18.40 -4.57 46.71
C LYS B 63 17.04 -4.62 47.41
N ALA B 64 16.63 -3.48 47.93
CA ALA B 64 15.35 -3.38 48.65
C ALA B 64 14.20 -3.64 47.65
N CYS B 65 14.33 -3.13 46.41
CA CYS B 65 13.24 -3.34 45.48
C CYS B 65 13.14 -4.84 45.14
N VAL B 66 14.26 -5.52 45.00
CA VAL B 66 14.27 -6.93 44.66
C VAL B 66 13.77 -7.85 45.79
N THR B 67 14.06 -7.51 47.04
CA THR B 67 13.56 -8.36 48.12
C THR B 67 12.07 -8.12 48.19
N ALA B 68 11.63 -6.89 48.09
CA ALA B 68 10.20 -6.63 48.08
C ALA B 68 9.48 -7.01 46.75
N ASP B 69 10.18 -7.65 45.81
CA ASP B 69 9.63 -8.07 44.50
C ASP B 69 8.89 -6.95 43.78
N LYS B 70 9.58 -5.85 43.57
CA LYS B 70 8.98 -4.73 42.91
C LYS B 70 9.52 -4.63 41.50
N ILE B 71 8.78 -3.88 40.68
CA ILE B 71 9.19 -3.64 39.33
C ILE B 71 9.97 -2.31 39.40
N ILE B 72 11.15 -2.32 38.78
CA ILE B 72 12.03 -1.17 38.76
C ILE B 72 12.06 -0.43 37.40
N LEU B 73 11.85 0.88 37.43
CA LEU B 73 11.95 1.65 36.23
C LEU B 73 13.06 2.68 36.43
N MET B 74 14.21 2.45 35.78
CA MET B 74 15.33 3.40 35.88
C MET B 74 14.97 4.62 35.06
N GLN B 75 15.18 5.83 35.58
CA GLN B 75 14.86 7.03 34.84
C GLN B 75 15.86 8.16 35.10
N ALA B 76 16.28 8.81 34.04
CA ALA B 76 17.20 9.93 34.19
C ALA B 76 16.67 11.19 33.55
N ALA B 77 15.81 11.98 34.06
CA ALA B 77 15.61 13.16 33.04
C ALA B 77 14.47 12.98 32.16
N ASN B 78 14.20 11.75 31.81
CA ASN B 78 12.93 11.48 31.17
C ASN B 78 12.63 12.23 29.88
N THR B 79 13.51 12.16 28.91
CA THR B 79 13.20 12.86 27.65
C THR B 79 12.98 11.84 26.54
N GLY B 80 12.89 10.57 26.94
CA GLY B 80 12.67 9.52 25.98
C GLY B 80 11.40 9.88 25.24
N LEU B 81 11.40 9.66 23.92
CA LEU B 81 10.26 10.07 23.10
C LEU B 81 9.26 9.00 22.70
N THR B 82 9.50 7.77 23.10
CA THR B 82 8.61 6.69 22.74
C THR B 82 7.98 5.92 23.90
N GLU B 83 7.79 6.66 25.00
CA GLU B 83 7.12 6.23 26.24
C GLU B 83 7.89 5.26 27.07
N GLY B 84 9.12 4.99 26.66
CA GLY B 84 9.99 4.03 27.35
C GLY B 84 10.69 4.45 28.62
N SER B 85 10.42 5.66 29.09
CA SER B 85 11.08 6.12 30.29
C SER B 85 10.14 6.30 31.47
N THR B 86 8.87 5.99 31.25
CA THR B 86 7.82 6.12 32.29
C THR B 86 6.92 4.94 32.31
N PRO B 87 6.11 4.79 33.38
CA PRO B 87 5.18 3.66 33.45
C PRO B 87 4.21 3.85 32.28
N ASN B 88 3.89 2.73 31.67
CA ASN B 88 2.96 2.64 30.52
C ASN B 88 1.61 2.14 31.10
N GLY B 89 0.73 3.02 31.53
CA GLY B 89 -0.53 2.53 32.10
C GLY B 89 -0.40 2.00 33.52
N ASN B 90 -1.51 1.49 34.04
CA ASN B 90 -1.54 0.98 35.41
C ASN B 90 -1.92 -0.47 35.43
N ASP B 91 -1.22 -1.31 34.68
CA ASP B 91 -1.62 -2.71 34.65
C ASP B 91 -0.47 -3.68 34.81
N TYR B 92 0.48 -3.31 35.65
CA TYR B 92 1.62 -4.17 35.90
C TYR B 92 1.22 -5.11 37.02
N ASP B 93 1.74 -6.34 37.02
CA ASP B 93 1.39 -7.26 38.09
C ASP B 93 2.00 -6.93 39.44
N ARG B 94 2.90 -5.95 39.50
CA ARG B 94 3.53 -5.59 40.76
C ARG B 94 3.64 -4.09 40.88
N ASP B 95 3.93 -3.59 42.09
CA ASP B 95 4.09 -2.15 42.29
C ASP B 95 5.27 -1.65 41.44
N VAL B 96 5.16 -0.44 40.93
CA VAL B 96 6.24 0.08 40.12
C VAL B 96 7.00 1.14 40.90
N VAL B 97 8.31 0.95 40.99
CA VAL B 97 9.14 1.93 41.63
C VAL B 97 10.06 2.62 40.61
N ILE B 98 9.95 3.94 40.48
CA ILE B 98 10.81 4.68 39.56
C ILE B 98 12.06 5.16 40.33
N ILE B 99 13.25 4.81 39.84
CA ILE B 99 14.47 5.27 40.48
C ILE B 99 15.01 6.38 39.58
N SER B 100 14.99 7.63 40.06
CA SER B 100 15.43 8.77 39.28
C SER B 100 16.88 8.92 39.67
N THR B 101 17.73 8.96 38.67
CA THR B 101 19.19 9.02 38.90
C THR B 101 19.86 10.38 38.82
N LEU B 102 19.08 11.43 38.69
CA LEU B 102 19.66 12.76 38.47
C LEU B 102 20.61 13.33 39.52
N ARG B 103 20.54 12.84 40.75
CA ARG B 103 21.47 13.34 41.80
C ARG B 103 22.89 12.74 41.59
N LEU B 104 22.99 11.70 40.76
CA LEU B 104 24.26 10.97 40.59
C LEU B 104 25.04 11.54 39.39
N ASP B 105 25.36 12.82 39.50
CA ASP B 105 25.97 13.52 38.43
C ASP B 105 27.48 13.76 38.42
N LYS B 106 28.25 12.96 39.15
CA LYS B 106 29.70 13.09 39.13
C LYS B 106 30.20 12.73 37.71
N LEU B 107 31.49 12.93 37.47
CA LEU B 107 32.11 12.65 36.18
C LEU B 107 33.57 12.34 36.50
N HIS B 108 34.12 11.21 36.03
CA HIS B 108 35.52 10.97 36.32
C HIS B 108 36.29 11.03 35.01
N VAL B 109 37.21 11.97 34.91
CA VAL B 109 38.02 12.15 33.69
C VAL B 109 39.21 11.20 33.71
N LEU B 110 39.40 10.33 32.70
CA LEU B 110 40.59 9.47 32.69
C LEU B 110 41.75 10.17 31.94
N GLY B 111 42.94 10.24 32.56
CA GLY B 111 44.13 10.88 31.97
C GLY B 111 43.89 12.33 31.57
N LYS B 112 44.19 12.65 30.31
CA LYS B 112 43.93 13.99 29.83
C LYS B 112 42.54 14.12 29.23
N GLY B 113 41.63 13.18 29.55
CA GLY B 113 40.29 13.31 29.02
C GLY B 113 39.96 12.46 27.80
N GLU B 114 40.89 11.62 27.36
CA GLU B 114 40.64 10.76 26.18
C GLU B 114 39.47 9.84 26.49
N GLN B 115 39.24 9.59 27.77
CA GLN B 115 38.11 8.76 28.20
C GLN B 115 37.58 9.36 29.48
N VAL B 116 36.31 9.03 29.75
CA VAL B 116 35.64 9.46 30.94
C VAL B 116 34.81 8.29 31.44
N LEU B 117 34.41 8.42 32.68
CA LEU B 117 33.52 7.51 33.35
C LEU B 117 32.33 8.42 33.62
N ALA B 118 31.17 8.12 33.04
CA ALA B 118 29.98 8.90 33.29
C ALA B 118 29.12 8.09 34.28
N TYR B 119 28.49 8.79 35.20
CA TYR B 119 27.61 8.20 36.21
C TYR B 119 26.13 8.35 35.72
N PRO B 120 25.18 7.73 36.40
CA PRO B 120 23.76 7.78 36.02
C PRO B 120 23.14 9.10 35.77
N GLY B 121 23.54 10.11 36.53
CA GLY B 121 22.94 11.42 36.34
C GLY B 121 23.80 12.41 35.57
N THR B 122 24.94 11.98 35.04
CA THR B 122 25.80 12.90 34.32
C THR B 122 25.12 13.41 33.04
N THR B 123 24.97 14.72 32.87
CA THR B 123 24.34 15.21 31.63
C THR B 123 25.32 15.38 30.49
N LEU B 124 24.88 15.16 29.26
CA LEU B 124 25.71 15.42 28.11
C LEU B 124 26.18 16.86 28.20
N TYR B 125 25.26 17.74 28.60
CA TYR B 125 25.61 19.18 28.72
C TYR B 125 26.79 19.35 29.68
N SER B 126 26.74 18.70 30.85
CA SER B 126 27.83 18.77 31.84
C SER B 126 29.15 18.19 31.28
N LEU B 127 29.05 17.11 30.53
CA LEU B 127 30.22 16.48 29.94
C LEU B 127 30.85 17.41 28.90
N GLU B 128 30.01 17.95 28.03
CA GLU B 128 30.44 18.88 27.00
C GLU B 128 31.21 20.01 27.72
N LYS B 129 30.61 20.56 28.78
CA LYS B 129 31.29 21.62 29.55
C LYS B 129 32.64 21.21 30.11
N ALA B 130 32.70 20.02 30.71
CA ALA B 130 33.92 19.50 31.33
C ALA B 130 35.04 19.20 30.33
N LEU B 131 34.65 18.79 29.13
CA LEU B 131 35.62 18.48 28.08
C LEU B 131 36.13 19.69 27.27
N LYS B 132 35.31 20.74 27.13
CA LYS B 132 35.71 21.88 26.28
C LYS B 132 37.09 22.41 26.70
N PRO B 133 37.28 22.66 28.00
CA PRO B 133 38.52 23.14 28.57
C PRO B 133 39.68 22.28 28.11
N LEU B 134 39.45 20.96 28.04
CA LEU B 134 40.50 19.99 27.66
C LEU B 134 40.70 19.79 26.18
N GLY B 135 40.00 20.58 25.39
CA GLY B 135 40.14 20.46 23.95
C GLY B 135 39.42 19.22 23.40
N ARG B 136 38.45 18.71 24.16
CA ARG B 136 37.71 17.54 23.71
C ARG B 136 36.23 17.82 23.46
N GLU B 137 35.59 16.86 22.83
CA GLU B 137 34.16 16.93 22.57
C GLU B 137 33.60 15.56 22.89
N PRO B 138 32.31 15.51 23.24
CA PRO B 138 31.64 14.24 23.57
C PRO B 138 31.38 13.38 22.33
N HIS B 139 30.98 12.15 22.59
CA HIS B 139 30.70 11.14 21.57
C HIS B 139 29.33 11.40 21.01
N SER B 140 28.62 12.36 21.59
CA SER B 140 27.21 12.53 21.24
C SER B 140 26.60 13.92 21.41
N VAL B 141 25.81 14.35 20.44
CA VAL B 141 25.12 15.64 20.54
C VAL B 141 23.71 15.34 20.08
N ILE B 142 22.73 15.47 20.98
CA ILE B 142 21.34 15.18 20.59
C ILE B 142 20.47 16.41 20.78
N GLY B 143 19.32 16.40 20.13
CA GLY B 143 18.39 17.51 20.21
C GLY B 143 18.12 17.86 21.64
N SER B 144 18.10 16.86 22.51
CA SER B 144 17.85 17.07 23.93
C SER B 144 19.11 17.41 24.79
N SER B 145 20.28 17.56 24.20
CA SER B 145 21.45 17.89 25.05
C SER B 145 21.17 19.13 25.95
N CYS B 146 20.59 20.18 25.38
CA CYS B 146 20.33 21.40 26.16
C CYS B 146 19.15 21.27 27.14
N ILE B 147 18.41 20.18 27.08
CA ILE B 147 17.34 20.03 28.06
C ILE B 147 17.67 18.99 29.11
N GLY B 148 18.95 18.67 29.22
CA GLY B 148 19.36 17.77 30.30
C GLY B 148 19.50 16.30 30.05
N ALA B 149 19.37 15.85 28.80
CA ALA B 149 19.52 14.42 28.54
C ALA B 149 20.86 13.91 29.17
N SER B 150 20.80 12.72 29.75
CA SER B 150 21.93 12.07 30.42
C SER B 150 22.80 11.26 29.48
N VAL B 151 24.07 11.12 29.84
CA VAL B 151 24.99 10.31 29.01
C VAL B 151 24.53 8.85 29.01
N ILE B 152 24.20 8.33 30.19
CA ILE B 152 23.77 6.92 30.30
C ILE B 152 22.42 6.62 29.67
N GLY B 153 21.51 7.58 29.77
CA GLY B 153 20.22 7.43 29.10
C GLY B 153 20.48 7.21 27.59
N GLY B 154 21.47 7.91 27.02
CA GLY B 154 21.78 7.74 25.60
C GLY B 154 22.36 6.34 25.31
N ILE B 155 23.23 5.87 26.19
CA ILE B 155 23.84 4.55 26.02
C ILE B 155 22.72 3.52 26.05
N CYS B 156 21.85 3.67 27.05
CA CYS B 156 20.71 2.74 27.18
C CYS B 156 19.75 2.71 25.99
N ASN B 157 19.63 3.80 25.27
CA ASN B 157 18.76 3.87 24.11
C ASN B 157 19.57 3.79 22.78
N ASN B 158 20.90 3.63 22.81
CA ASN B 158 21.71 3.67 21.54
C ASN B 158 21.31 4.95 20.81
N SER B 159 21.36 6.06 21.52
CA SER B 159 21.00 7.35 20.97
C SER B 159 21.87 7.72 19.78
N GLY B 160 21.34 8.56 18.91
CA GLY B 160 22.16 8.93 17.76
C GLY B 160 21.90 10.38 17.47
N GLY B 161 22.68 11.31 17.92
CA GLY B 161 22.19 12.61 17.45
C GLY B 161 22.55 13.10 16.03
N SER B 162 23.12 14.29 16.04
CA SER B 162 23.49 14.94 14.80
C SER B 162 24.97 14.75 14.40
N LEU B 163 25.78 14.09 15.22
CA LEU B 163 27.19 13.96 14.89
C LEU B 163 27.40 12.84 13.86
N VAL B 164 27.56 13.20 12.60
CA VAL B 164 27.75 12.20 11.51
C VAL B 164 28.88 11.21 11.66
N GLN B 165 30.00 11.67 12.18
CA GLN B 165 31.14 10.82 12.33
C GLN B 165 31.05 9.79 13.47
N ARG B 166 30.21 10.04 14.45
CA ARG B 166 30.19 9.13 15.59
C ARG B 166 28.96 8.28 15.43
N GLY B 167 29.04 7.01 15.72
CA GLY B 167 27.81 6.27 15.51
C GLY B 167 26.85 6.45 16.68
N PRO B 168 25.93 5.50 16.81
CA PRO B 168 24.98 5.53 17.92
C PRO B 168 25.85 5.40 19.20
N ALA B 169 25.38 5.98 20.31
CA ALA B 169 26.05 5.86 21.61
C ALA B 169 26.31 4.35 21.91
N TYR B 170 27.52 3.98 22.30
CA TYR B 170 27.87 2.57 22.50
C TYR B 170 29.16 2.38 23.29
N THR B 171 29.18 1.40 24.17
CA THR B 171 30.41 1.05 24.85
C THR B 171 30.28 -0.39 25.35
N GLU B 172 31.41 -1.10 25.42
CA GLU B 172 31.47 -2.47 25.93
C GLU B 172 31.98 -2.43 27.39
N MET B 173 32.31 -1.23 27.87
CA MET B 173 32.84 -1.11 29.22
C MET B 173 31.90 -0.38 30.17
N SER B 174 31.28 -1.12 31.10
CA SER B 174 30.31 -0.44 31.97
C SER B 174 30.20 -1.21 33.33
N LEU B 175 29.55 -0.61 34.31
CA LEU B 175 29.36 -1.24 35.60
C LEU B 175 27.84 -1.19 35.71
N PHE B 176 27.19 -2.34 35.91
CA PHE B 176 25.74 -2.42 35.99
C PHE B 176 25.24 -3.51 36.93
N ALA B 177 23.98 -3.41 37.33
CA ALA B 177 23.39 -4.46 38.20
C ALA B 177 22.41 -5.19 37.31
N ARG B 178 22.32 -6.52 37.49
CA ARG B 178 21.40 -7.32 36.73
C ARG B 178 20.64 -8.29 37.66
N ILE B 179 19.34 -8.42 37.48
CA ILE B 179 18.59 -9.40 38.27
C ILE B 179 18.68 -10.65 37.41
N ASN B 180 19.38 -11.68 37.91
CA ASN B 180 19.51 -12.91 37.16
C ASN B 180 18.27 -13.83 37.12
N GLU B 181 18.44 -14.99 36.50
CA GLU B 181 17.32 -15.93 36.33
C GLU B 181 16.65 -16.35 37.66
N ASP B 182 17.47 -16.47 38.71
CA ASP B 182 17.01 -16.83 40.07
C ASP B 182 16.43 -15.65 40.78
N GLY B 183 16.37 -14.52 40.11
CA GLY B 183 15.81 -13.37 40.76
C GLY B 183 16.79 -12.73 41.72
N LYS B 184 18.06 -13.09 41.61
CA LYS B 184 19.08 -12.53 42.51
C LYS B 184 19.70 -11.26 41.86
N LEU B 185 19.81 -10.16 42.63
CA LEU B 185 20.44 -8.94 42.09
C LEU B 185 21.96 -9.13 42.09
N THR B 186 22.61 -8.91 40.96
CA THR B 186 24.06 -9.09 40.89
C THR B 186 24.75 -7.77 40.41
N LEU B 187 26.02 -7.55 40.78
CA LEU B 187 26.77 -6.34 40.35
C LEU B 187 27.84 -6.83 39.37
N VAL B 188 27.92 -6.23 38.20
CA VAL B 188 28.88 -6.68 37.20
C VAL B 188 29.76 -5.53 36.77
N ASN B 189 31.01 -5.64 37.12
CA ASN B 189 32.02 -4.64 36.81
C ASN B 189 32.78 -4.93 35.50
N HIS B 190 32.29 -4.44 34.35
CA HIS B 190 33.04 -4.61 33.10
C HIS B 190 33.64 -3.25 32.69
N LEU B 191 34.09 -2.48 33.69
CA LEU B 191 34.65 -1.15 33.41
C LEU B 191 36.12 -1.23 32.93
N GLY B 192 36.77 -2.33 33.21
CA GLY B 192 38.17 -2.45 32.88
C GLY B 192 38.93 -1.66 33.95
N ILE B 193 38.38 -1.63 35.16
CA ILE B 193 39.00 -0.94 36.28
C ILE B 193 38.80 -1.81 37.53
N ASP B 194 39.87 -2.13 38.22
CA ASP B 194 39.80 -2.95 39.41
C ASP B 194 39.44 -2.08 40.57
N LEU B 195 38.22 -2.31 41.06
CA LEU B 195 37.62 -1.50 42.12
C LEU B 195 37.33 -2.30 43.39
N GLY B 196 37.58 -3.59 43.34
CA GLY B 196 37.37 -4.39 44.52
C GLY B 196 36.47 -5.57 44.26
N GLU B 197 36.05 -6.26 45.33
CA GLU B 197 35.23 -7.44 45.10
C GLU B 197 33.80 -7.36 45.63
N THR B 198 33.53 -6.48 46.59
CA THR B 198 32.14 -6.36 47.07
C THR B 198 31.55 -5.06 46.57
N PRO B 199 30.22 -4.96 46.54
CA PRO B 199 29.61 -3.71 46.09
C PRO B 199 30.10 -2.54 46.99
N GLU B 200 30.27 -2.78 48.29
CA GLU B 200 30.72 -1.67 49.14
C GLU B 200 32.07 -1.14 48.70
N GLN B 201 32.99 -2.05 48.35
CA GLN B 201 34.32 -1.62 47.92
C GLN B 201 34.25 -0.90 46.60
N ILE B 202 33.53 -1.51 45.65
CA ILE B 202 33.44 -0.98 44.33
C ILE B 202 32.79 0.40 44.26
N LEU B 203 31.60 0.48 44.83
CA LEU B 203 30.82 1.71 44.79
C LEU B 203 31.33 2.82 45.66
N SER B 204 31.93 2.50 46.80
CA SER B 204 32.42 3.56 47.64
C SER B 204 33.66 4.14 46.94
N LYS B 205 34.39 3.28 46.24
CA LYS B 205 35.58 3.80 45.55
C LYS B 205 35.17 4.78 44.47
N LEU B 206 34.06 4.46 43.80
CA LEU B 206 33.53 5.38 42.78
C LEU B 206 32.88 6.61 43.45
N ASP B 207 32.17 6.44 44.55
CA ASP B 207 31.52 7.56 45.21
C ASP B 207 32.52 8.51 45.85
N ASP B 208 33.69 8.00 46.26
CA ASP B 208 34.66 8.87 46.92
C ASP B 208 35.79 9.31 45.98
N ASP B 209 35.66 8.95 44.71
CA ASP B 209 36.67 9.33 43.71
C ASP B 209 38.07 8.81 44.12
N ARG B 210 38.12 7.54 44.45
CA ARG B 210 39.35 6.95 44.89
C ARG B 210 39.98 6.02 43.86
N ILE B 211 39.67 6.22 42.58
CA ILE B 211 40.27 5.39 41.54
C ILE B 211 41.71 5.85 41.39
N LYS B 212 42.62 4.91 41.33
CA LYS B 212 44.01 5.27 41.17
C LYS B 212 44.37 4.86 39.73
N ASP B 213 45.26 5.59 39.09
CA ASP B 213 45.59 5.25 37.73
C ASP B 213 46.03 3.81 37.52
N ASP B 214 46.59 3.20 38.53
CA ASP B 214 47.00 1.81 38.41
C ASP B 214 45.86 0.84 38.60
N ASP B 215 44.65 1.34 38.85
CA ASP B 215 43.50 0.40 38.94
C ASP B 215 42.98 0.24 37.51
N VAL B 216 43.27 1.22 36.66
CA VAL B 216 42.74 1.23 35.29
C VAL B 216 43.45 0.30 34.26
N ARG B 217 42.69 -0.61 33.65
CA ARG B 217 43.25 -1.52 32.64
C ARG B 217 42.97 -0.94 31.25
N HIS B 218 43.87 -1.17 30.32
CA HIS B 218 43.67 -0.65 28.95
C HIS B 218 43.76 -1.91 28.08
N ASP B 219 42.64 -2.39 27.53
CA ASP B 219 42.62 -3.66 26.78
C ASP B 219 41.99 -3.82 25.40
N GLY B 220 41.67 -2.78 24.67
CA GLY B 220 41.11 -3.08 23.36
C GLY B 220 39.60 -3.31 23.17
N ARG B 221 38.80 -3.27 24.23
CA ARG B 221 37.35 -3.41 24.02
C ARG B 221 36.94 -2.04 23.49
N HIS B 222 35.75 -1.91 22.94
CA HIS B 222 35.45 -0.61 22.38
C HIS B 222 34.64 0.30 23.29
N ALA B 223 35.05 1.57 23.38
CA ALA B 223 34.36 2.59 24.20
C ALA B 223 33.63 3.64 23.36
N HIS B 224 33.36 3.27 22.11
CA HIS B 224 32.57 4.01 21.16
C HIS B 224 32.32 3.04 20.02
N ASP B 225 31.49 3.42 19.08
CA ASP B 225 31.19 2.57 17.89
C ASP B 225 32.31 2.72 16.84
N TYR B 226 33.18 1.72 16.73
CA TYR B 226 34.28 1.77 15.75
C TYR B 226 33.78 1.61 14.31
N ASP B 227 34.48 2.20 13.35
CA ASP B 227 34.08 2.02 11.95
C ASP B 227 32.73 2.62 11.53
N TYR B 228 32.07 3.41 12.38
CA TYR B 228 30.81 3.99 11.92
C TYR B 228 31.12 4.86 10.69
N VAL B 229 32.32 5.45 10.69
CA VAL B 229 32.76 6.29 9.60
C VAL B 229 32.67 5.48 8.32
N HIS B 230 33.05 4.23 8.40
CA HIS B 230 33.04 3.35 7.26
C HIS B 230 31.59 3.10 6.87
N ARG B 231 30.77 2.63 7.80
CA ARG B 231 29.38 2.35 7.50
C ARG B 231 28.61 3.55 6.96
N VAL B 232 28.81 4.73 7.54
CA VAL B 232 27.98 5.86 7.11
C VAL B 232 28.24 6.20 5.67
N ARG B 233 29.48 6.00 5.25
CA ARG B 233 29.85 6.26 3.86
C ARG B 233 29.36 5.23 2.81
N ASP B 234 28.94 4.03 3.21
CA ASP B 234 28.56 3.00 2.25
C ASP B 234 27.25 3.21 1.50
N ILE B 235 27.26 4.13 0.53
CA ILE B 235 26.04 4.42 -0.17
C ILE B 235 25.58 3.32 -1.10
N GLU B 236 26.38 2.28 -1.25
CA GLU B 236 25.90 1.19 -2.09
C GLU B 236 25.17 0.15 -1.22
N ALA B 237 25.26 0.26 0.10
CA ALA B 237 24.59 -0.73 0.94
C ALA B 237 23.07 -0.64 0.95
N ASP B 238 22.42 -1.79 0.83
CA ASP B 238 20.98 -1.82 0.85
C ASP B 238 20.36 -2.08 2.23
N THR B 239 21.00 -1.54 3.28
CA THR B 239 20.51 -1.56 4.67
C THR B 239 20.82 -0.20 5.33
N PRO B 240 20.06 0.15 6.36
CA PRO B 240 20.25 1.45 7.03
C PRO B 240 21.59 1.57 7.75
N ALA B 241 22.00 2.81 8.00
CA ALA B 241 23.25 3.12 8.65
C ALA B 241 23.20 2.77 10.16
N ARG B 242 22.03 2.94 10.78
CA ARG B 242 21.89 2.67 12.21
C ARG B 242 20.41 2.59 12.54
N TYR B 243 20.06 1.74 13.52
CA TYR B 243 18.70 1.57 14.01
C TYR B 243 18.76 0.84 15.35
N ASN B 244 17.75 1.04 16.16
CA ASN B 244 17.75 0.50 17.51
C ASN B 244 17.86 -1.00 17.62
N ALA B 245 17.33 -1.74 16.67
CA ALA B 245 17.40 -3.19 16.78
C ALA B 245 18.63 -3.79 16.11
N ASP B 246 19.59 -2.94 15.78
CA ASP B 246 20.83 -3.38 15.16
C ASP B 246 21.56 -4.23 16.19
N PRO B 247 21.74 -5.55 15.93
CA PRO B 247 22.39 -6.51 16.80
C PRO B 247 23.81 -6.17 17.25
N ASP B 248 24.58 -5.57 16.36
CA ASP B 248 25.93 -5.23 16.73
C ASP B 248 26.05 -4.05 17.70
N ARG B 249 24.97 -3.36 17.99
CA ARG B 249 25.10 -2.21 18.92
C ARG B 249 24.47 -2.50 20.27
N LEU B 250 23.93 -3.70 20.38
CA LEU B 250 23.26 -4.17 21.59
C LEU B 250 24.23 -4.97 22.37
N PHE B 251 24.68 -4.51 23.52
CA PHE B 251 25.63 -5.39 24.11
C PHE B 251 25.36 -5.75 25.58
N GLU B 252 25.59 -4.80 26.43
CA GLU B 252 25.32 -5.03 27.83
C GLU B 252 24.49 -3.77 28.17
N SER B 253 25.15 -2.72 28.67
CA SER B 253 24.45 -1.46 28.98
C SER B 253 23.99 -0.78 27.67
N SER B 254 24.76 -0.95 26.61
CA SER B 254 24.44 -0.34 25.31
C SER B 254 23.16 -0.94 24.78
N GLY B 255 22.13 -0.08 24.66
CA GLY B 255 20.85 -0.57 24.21
C GLY B 255 20.05 -1.26 25.32
N CYS B 256 20.49 -1.21 26.61
CA CYS B 256 19.66 -2.02 27.56
C CYS B 256 18.25 -1.57 27.84
N ALA B 257 17.98 -0.32 27.53
CA ALA B 257 16.65 0.26 27.70
C ALA B 257 16.01 0.12 29.10
N GLY B 258 16.84 0.14 30.15
CA GLY B 258 16.27 0.04 31.47
C GLY B 258 16.23 -1.40 31.93
N LYS B 259 16.73 -2.35 31.12
CA LYS B 259 16.67 -3.74 31.53
C LYS B 259 17.78 -4.13 32.48
N LEU B 260 18.71 -3.21 32.72
CA LEU B 260 19.78 -3.41 33.68
C LEU B 260 19.80 -2.09 34.44
N ALA B 261 20.54 -2.03 35.55
CA ALA B 261 20.69 -0.78 36.29
C ALA B 261 22.16 -0.38 35.95
N VAL B 262 22.35 0.67 35.17
CA VAL B 262 23.68 1.05 34.76
C VAL B 262 24.25 2.07 35.73
N PHE B 263 25.35 1.67 36.38
CA PHE B 263 26.03 2.55 37.38
C PHE B 263 27.06 3.47 36.82
N ALA B 264 27.74 3.01 35.77
CA ALA B 264 28.80 3.84 35.19
C ALA B 264 29.15 3.29 33.82
N VAL B 265 29.60 4.18 32.96
CA VAL B 265 30.05 3.76 31.66
C VAL B 265 31.39 4.45 31.41
N ARG B 266 32.27 3.70 30.79
CA ARG B 266 33.61 4.17 30.36
C ARG B 266 33.48 4.47 28.85
N LEU B 267 33.67 5.73 28.48
CA LEU B 267 33.48 6.15 27.09
C LEU B 267 34.64 6.93 26.55
N ASP B 268 34.90 6.76 25.26
CA ASP B 268 35.91 7.58 24.60
C ASP B 268 35.34 8.99 24.34
N THR B 269 36.23 9.96 24.32
CA THR B 269 35.83 11.34 23.96
C THR B 269 36.67 11.60 22.67
N PHE B 270 36.49 12.73 22.01
CA PHE B 270 37.25 12.95 20.77
C PHE B 270 37.83 14.37 20.72
N GLU B 271 38.90 14.57 19.93
CA GLU B 271 39.47 15.91 19.75
C GLU B 271 38.44 16.89 19.24
N ALA B 272 38.39 18.08 19.85
CA ALA B 272 37.46 19.13 19.43
C ALA B 272 37.72 19.56 17.96
N GLU B 273 36.64 19.86 17.26
CA GLU B 273 36.71 20.28 15.86
C GLU B 273 37.21 21.71 15.71
N LYS B 274 38.11 21.91 14.75
CA LYS B 274 38.68 23.23 14.48
C LYS B 274 37.68 24.38 14.29
N ASN B 275 37.51 24.84 13.07
CA ASN B 275 36.65 26.00 12.82
C ASN B 275 35.35 25.64 12.11
N GLN B 276 34.31 25.48 12.90
CA GLN B 276 33.02 25.08 12.37
C GLN B 276 32.23 26.17 11.67
N GLN B 277 31.58 25.74 10.58
CA GLN B 277 30.77 26.56 9.71
C GLN B 277 29.49 25.88 9.26
N VAL B 278 28.39 26.61 9.32
CA VAL B 278 27.13 26.07 8.88
C VAL B 278 26.76 26.65 7.52
N PHE B 279 26.51 25.76 6.57
CA PHE B 279 26.06 26.18 5.25
C PHE B 279 24.56 25.90 5.29
N TYR B 280 23.77 26.93 5.07
CA TYR B 280 22.33 26.75 5.12
C TYR B 280 21.88 26.54 3.68
N ILE B 281 21.45 25.32 3.37
CA ILE B 281 21.06 24.92 2.02
C ILE B 281 19.57 24.77 1.84
N GLY B 282 19.03 25.31 0.75
CA GLY B 282 17.61 25.13 0.51
C GLY B 282 17.38 24.69 -0.94
N THR B 283 16.32 23.91 -1.17
CA THR B 283 15.97 23.50 -2.54
C THR B 283 14.51 23.11 -2.51
N ASN B 284 13.89 23.06 -3.68
CA ASN B 284 12.51 22.66 -3.73
C ASN B 284 12.44 21.27 -4.32
N GLN B 285 13.60 20.75 -4.68
CA GLN B 285 13.74 19.43 -5.30
C GLN B 285 14.44 18.40 -4.41
N PRO B 286 13.68 17.38 -3.89
CA PRO B 286 14.25 16.33 -3.02
C PRO B 286 15.56 15.78 -3.54
N GLU B 287 15.60 15.52 -4.85
CA GLU B 287 16.78 14.96 -5.53
C GLU B 287 18.04 15.82 -5.41
N VAL B 288 17.89 17.13 -5.23
CA VAL B 288 19.17 17.94 -5.07
C VAL B 288 19.80 17.61 -3.65
N LEU B 289 18.99 17.42 -2.59
CA LEU B 289 19.61 17.03 -1.29
C LEU B 289 20.17 15.57 -1.47
N THR B 290 19.44 14.71 -2.19
CA THR B 290 19.90 13.32 -2.37
C THR B 290 21.35 13.31 -2.92
N GLU B 291 21.60 14.12 -3.94
CA GLU B 291 22.91 14.17 -4.56
C GLU B 291 24.00 14.78 -3.64
N ILE B 292 23.62 15.80 -2.86
CA ILE B 292 24.62 16.38 -1.92
C ILE B 292 25.07 15.28 -0.97
N ARG B 293 24.11 14.58 -0.34
CA ARG B 293 24.54 13.52 0.60
C ARG B 293 25.44 12.45 -0.06
N ARG B 294 24.97 11.86 -1.17
CA ARG B 294 25.73 10.85 -1.83
C ARG B 294 27.10 11.31 -2.31
N HIS B 295 27.15 12.51 -2.88
CA HIS B 295 28.44 13.00 -3.36
C HIS B 295 29.43 13.16 -2.20
N ILE B 296 29.00 13.78 -1.11
CA ILE B 296 29.85 14.00 0.07
C ILE B 296 30.34 12.66 0.67
N LEU B 297 29.40 11.73 0.84
CA LEU B 297 29.77 10.43 1.44
C LEU B 297 30.75 9.65 0.59
N ALA B 298 30.58 9.70 -0.73
CA ALA B 298 31.47 8.97 -1.62
C ALA B 298 32.74 9.71 -2.00
N ASN B 299 32.71 11.05 -1.95
CA ASN B 299 33.85 11.84 -2.40
C ASN B 299 34.57 12.81 -1.48
N PHE B 300 33.86 13.48 -0.59
CA PHE B 300 34.56 14.41 0.29
C PHE B 300 35.61 13.71 1.13
N GLU B 301 36.71 14.41 1.37
CA GLU B 301 37.70 13.82 2.24
C GLU B 301 37.22 14.08 3.65
N ASN B 302 36.47 15.15 3.86
CA ASN B 302 35.98 15.51 5.19
C ASN B 302 34.49 15.30 5.38
N LEU B 303 34.11 14.45 6.33
CA LEU B 303 32.70 14.26 6.57
C LEU B 303 32.19 15.45 7.34
N PRO B 304 30.91 15.78 7.14
CA PRO B 304 30.30 16.90 7.83
C PRO B 304 30.28 16.53 9.36
N VAL B 305 30.16 17.55 10.21
CA VAL B 305 30.04 17.36 11.65
C VAL B 305 28.57 17.02 11.84
N ALA B 306 27.68 17.74 11.14
CA ALA B 306 26.22 17.51 11.23
C ALA B 306 25.57 17.87 9.85
N GLY B 307 24.40 17.29 9.56
CA GLY B 307 23.69 17.57 8.30
C GLY B 307 22.24 17.39 8.67
N GLU B 308 21.60 18.46 9.13
CA GLU B 308 20.24 18.38 9.63
C GLU B 308 19.20 18.79 8.61
N TYR B 309 18.21 17.94 8.41
CA TYR B 309 17.14 18.23 7.46
C TYR B 309 15.94 18.81 8.18
N MET B 310 15.32 19.82 7.57
CA MET B 310 14.11 20.43 8.11
C MET B 310 13.20 20.76 6.93
N HIS B 311 11.97 20.26 6.96
CA HIS B 311 10.96 20.52 5.93
C HIS B 311 10.23 21.79 6.34
N ARG B 312 9.59 22.44 5.37
CA ARG B 312 8.89 23.69 5.63
C ARG B 312 7.81 23.62 6.71
N ASP B 313 6.95 22.61 6.68
CA ASP B 313 5.88 22.62 7.67
C ASP B 313 6.34 22.62 9.11
N ILE B 314 7.34 21.79 9.43
CA ILE B 314 7.83 21.75 10.80
C ILE B 314 8.68 23.02 11.03
N TYR B 315 9.22 23.61 9.98
CA TYR B 315 9.98 24.86 10.17
C TYR B 315 9.00 25.93 10.70
N ASP B 316 7.84 26.00 10.07
CA ASP B 316 6.80 26.98 10.44
C ASP B 316 6.24 26.68 11.81
N ILE B 317 5.95 25.41 12.08
CA ILE B 317 5.39 25.03 13.38
C ILE B 317 6.39 25.24 14.54
N ALA B 318 7.68 25.13 14.23
CA ALA B 318 8.71 25.33 15.24
C ALA B 318 8.91 26.85 15.39
N GLU B 319 8.43 27.60 14.41
CA GLU B 319 8.53 29.05 14.42
C GLU B 319 7.45 29.67 15.34
N LEU B 377 14.62 33.54 12.48
CA LEU B 377 14.42 35.00 12.76
C LEU B 377 15.73 35.69 13.25
N PRO B 378 16.85 35.66 12.46
CA PRO B 378 17.44 35.23 11.20
C PRO B 378 16.69 35.51 9.91
N PRO B 379 16.80 36.76 9.41
CA PRO B 379 16.15 37.20 8.18
C PRO B 379 16.49 36.27 7.00
N ARG B 380 17.77 35.99 6.78
CA ARG B 380 18.13 35.10 5.70
C ARG B 380 17.37 33.77 5.82
N MET B 381 17.21 33.28 7.06
CA MET B 381 16.49 32.02 7.28
C MET B 381 15.04 32.19 6.78
N LYS B 382 14.44 33.35 7.05
CA LYS B 382 13.06 33.62 6.64
C LYS B 382 13.01 33.58 5.15
N ASN B 383 14.03 34.17 4.52
CA ASN B 383 14.11 34.18 3.06
C ASN B 383 14.11 32.73 2.53
N TRP B 384 15.06 31.93 3.02
CA TRP B 384 15.16 30.54 2.60
C TRP B 384 13.85 29.83 2.83
N ARG B 385 13.21 30.03 3.98
CA ARG B 385 11.92 29.38 4.19
C ARG B 385 10.92 29.75 3.08
N ASP B 386 10.83 31.03 2.73
CA ASP B 386 9.88 31.43 1.70
C ASP B 386 10.26 30.92 0.32
N LYS B 387 11.55 30.83 0.06
CA LYS B 387 12.04 30.38 -1.25
C LYS B 387 12.07 28.86 -1.47
N TYR B 388 12.46 28.13 -0.43
CA TYR B 388 12.69 26.67 -0.49
C TYR B 388 11.99 25.83 0.54
N GLU B 389 11.46 24.73 0.05
CA GLU B 389 10.71 23.82 0.88
C GLU B 389 11.55 22.84 1.71
N HIS B 390 12.73 22.53 1.22
CA HIS B 390 13.60 21.56 1.88
C HIS B 390 14.87 22.25 2.33
N HIS B 391 15.14 22.21 3.63
CA HIS B 391 16.37 22.82 4.14
C HIS B 391 17.32 21.78 4.72
N LEU B 392 18.60 21.99 4.47
CA LEU B 392 19.61 21.10 4.97
C LEU B 392 20.65 21.99 5.67
N LEU B 393 20.87 21.81 6.98
CA LEU B 393 21.84 22.61 7.70
C LEU B 393 23.10 21.78 7.68
N LEU B 394 24.07 22.16 6.88
CA LEU B 394 25.27 21.37 6.78
C LEU B 394 26.43 22.02 7.52
N LYS B 395 26.78 21.43 8.66
CA LYS B 395 27.87 21.91 9.52
C LYS B 395 29.18 21.17 9.27
N MET B 396 30.18 21.89 8.76
CA MET B 396 31.51 21.33 8.48
C MET B 396 32.50 21.91 9.51
N ALA B 397 33.69 21.33 9.60
CA ALA B 397 34.71 21.77 10.55
C ALA B 397 36.08 21.66 9.83
N GLY B 398 37.08 22.40 10.31
CA GLY B 398 38.41 22.35 9.70
C GLY B 398 38.39 22.58 8.19
N ASP B 399 39.16 21.75 7.50
CA ASP B 399 39.25 21.79 6.05
C ASP B 399 37.91 21.45 5.35
N GLY B 400 37.02 20.75 6.07
CA GLY B 400 35.79 20.39 5.41
C GLY B 400 35.04 21.64 5.03
N VAL B 401 35.30 22.73 5.75
CA VAL B 401 34.62 23.98 5.47
C VAL B 401 34.87 24.46 4.05
N GLY B 402 36.14 24.41 3.67
CA GLY B 402 36.55 24.89 2.36
C GLY B 402 36.14 23.92 1.28
N GLU B 403 36.22 22.63 1.62
CA GLU B 403 35.88 21.61 0.65
C GLU B 403 34.40 21.72 0.30
N ALA B 404 33.57 22.04 1.28
CA ALA B 404 32.14 22.12 1.01
C ALA B 404 31.78 23.41 0.26
N LYS B 405 32.43 24.52 0.67
CA LYS B 405 32.17 25.82 0.07
C LYS B 405 32.37 25.78 -1.42
N SER B 406 33.53 25.25 -1.79
CA SER B 406 33.85 25.16 -3.18
C SER B 406 32.93 24.22 -3.95
N TRP B 407 32.66 23.05 -3.36
CA TRP B 407 31.79 22.14 -4.07
C TRP B 407 30.34 22.68 -4.18
N LEU B 408 29.81 23.26 -3.11
CA LEU B 408 28.42 23.80 -3.16
C LEU B 408 28.31 24.96 -4.20
N VAL B 409 29.35 25.81 -4.27
CA VAL B 409 29.33 26.90 -5.24
C VAL B 409 29.16 26.31 -6.65
N ASP B 410 29.94 25.29 -7.00
CA ASP B 410 29.81 24.68 -8.35
C ASP B 410 28.50 23.94 -8.56
N TYR B 411 28.10 23.14 -7.56
CA TYR B 411 26.90 22.34 -7.67
C TYR B 411 25.70 23.25 -7.86
N PHE B 412 25.61 24.32 -7.08
CA PHE B 412 24.47 25.17 -7.24
C PHE B 412 24.49 26.15 -8.42
N LYS B 413 25.49 26.04 -9.27
CA LYS B 413 25.38 26.88 -10.44
C LYS B 413 24.48 26.07 -11.41
N GLN B 414 24.24 24.81 -11.03
CA GLN B 414 23.41 23.89 -11.81
C GLN B 414 22.14 23.37 -11.12
N ALA B 415 22.30 22.83 -9.90
CA ALA B 415 21.14 22.29 -9.18
C ALA B 415 20.21 23.44 -8.78
N GLU B 416 18.90 23.23 -8.83
CA GLU B 416 17.95 24.28 -8.54
C GLU B 416 18.09 25.33 -7.43
N GLY B 417 18.11 24.88 -6.19
CA GLY B 417 18.22 25.83 -5.07
C GLY B 417 19.42 26.76 -4.84
N ASP B 418 19.76 27.00 -3.56
CA ASP B 418 20.86 27.91 -3.22
C ASP B 418 21.27 27.71 -1.74
N PHE B 419 22.35 28.35 -1.34
CA PHE B 419 22.82 28.24 0.03
C PHE B 419 23.52 29.53 0.49
N PHE B 420 23.63 29.72 1.80
CA PHE B 420 24.37 30.87 2.28
C PHE B 420 25.25 30.37 3.39
N VAL B 421 26.41 31.01 3.53
CA VAL B 421 27.35 30.65 4.59
C VAL B 421 26.85 31.35 5.84
N CYS B 422 26.63 30.59 6.90
CA CYS B 422 26.07 31.14 8.11
C CYS B 422 26.98 32.03 8.93
N THR B 423 26.37 33.08 9.47
CA THR B 423 27.11 33.93 10.40
C THR B 423 26.96 33.18 11.74
N PRO B 424 27.92 33.32 12.66
CA PRO B 424 27.80 32.60 13.94
C PRO B 424 26.40 32.62 14.54
N GLU B 425 25.72 33.77 14.50
CA GLU B 425 24.36 33.88 15.05
C GLU B 425 23.40 33.00 14.26
N GLU B 426 23.46 33.09 12.93
CA GLU B 426 22.59 32.29 12.09
C GLU B 426 22.81 30.78 12.29
N GLY B 427 24.05 30.35 12.32
CA GLY B 427 24.34 28.94 12.50
C GLY B 427 23.78 28.41 13.80
N SER B 428 24.03 29.15 14.87
CA SER B 428 23.56 28.70 16.17
C SER B 428 22.03 28.74 16.22
N LYS B 429 21.43 29.79 15.70
CA LYS B 429 19.99 29.80 15.77
C LYS B 429 19.36 28.79 14.80
N ALA B 430 20.07 28.44 13.72
CA ALA B 430 19.52 27.48 12.75
C ALA B 430 19.44 26.12 13.48
N PHE B 431 20.48 25.77 14.21
CA PHE B 431 20.43 24.51 14.95
C PHE B 431 19.38 24.57 16.04
N LEU B 432 19.34 25.67 16.78
CA LEU B 432 18.35 25.80 17.81
C LEU B 432 16.97 25.61 17.22
N HIS B 433 16.73 26.21 16.05
CA HIS B 433 15.42 26.09 15.45
C HIS B 433 15.16 24.61 15.10
N ARG B 434 16.13 23.96 14.44
CA ARG B 434 16.02 22.53 14.05
C ARG B 434 15.62 21.70 15.27
N PHE B 435 16.33 21.86 16.36
CA PHE B 435 15.92 21.17 17.58
C PHE B 435 14.79 22.12 18.03
N ALA B 436 13.71 21.60 18.51
CA ALA B 436 12.56 22.43 18.88
C ALA B 436 11.45 21.82 18.08
N ALA B 437 11.83 21.16 16.97
CA ALA B 437 10.89 20.49 16.11
C ALA B 437 10.03 19.58 16.96
N ALA B 438 10.64 18.63 17.67
CA ALA B 438 9.85 17.72 18.49
C ALA B 438 8.99 18.47 19.51
N GLY B 439 9.60 19.40 20.23
CA GLY B 439 8.85 20.17 21.21
C GLY B 439 7.73 20.98 20.56
N ALA B 440 8.02 21.63 19.44
CA ALA B 440 7.01 22.41 18.76
C ALA B 440 5.81 21.57 18.31
N ALA B 441 6.04 20.35 17.84
CA ALA B 441 4.91 19.57 17.40
C ALA B 441 4.06 19.21 18.62
N ILE B 442 4.72 18.97 19.75
CA ILE B 442 4.01 18.60 20.97
C ILE B 442 3.15 19.76 21.44
N ARG B 443 3.73 20.96 21.45
CA ARG B 443 3.01 22.14 21.87
C ARG B 443 1.84 22.35 20.95
N TYR B 444 2.08 22.19 19.65
CA TYR B 444 1.02 22.35 18.67
C TYR B 444 -0.20 21.50 18.99
N GLN B 445 0.01 20.20 19.15
CA GLN B 445 -1.06 19.27 19.44
C GLN B 445 -1.83 19.60 20.74
N ALA B 446 -1.14 20.04 21.78
CA ALA B 446 -1.80 20.38 23.03
C ALA B 446 -2.75 21.57 22.81
N VAL B 447 -2.28 22.56 22.05
CA VAL B 447 -3.07 23.75 21.73
C VAL B 447 -4.36 23.35 21.00
N HIS B 448 -4.25 22.45 20.02
CA HIS B 448 -5.41 21.99 19.25
C HIS B 448 -5.87 20.62 19.71
N SER B 449 -5.68 20.39 20.99
CA SER B 449 -6.01 19.15 21.67
C SER B 449 -7.36 18.51 21.28
N ASP B 450 -8.45 19.23 21.51
CA ASP B 450 -9.79 18.73 21.22
C ASP B 450 -10.11 18.75 19.73
N GLU B 451 -9.17 19.23 18.94
CA GLU B 451 -9.32 19.35 17.49
C GLU B 451 -8.64 18.22 16.70
N VAL B 452 -7.55 17.69 17.25
CA VAL B 452 -6.77 16.65 16.59
C VAL B 452 -6.40 15.52 17.55
N GLU B 453 -6.04 14.36 17.02
CA GLU B 453 -5.65 13.23 17.88
C GLU B 453 -4.25 13.41 18.53
N ASP B 454 -3.76 12.35 19.15
CA ASP B 454 -2.42 12.35 19.77
C ASP B 454 -1.44 12.34 18.61
N ILE B 455 -0.26 12.96 18.78
CA ILE B 455 0.73 12.96 17.70
C ILE B 455 1.01 11.52 17.25
N LEU B 456 1.13 11.29 15.96
CA LEU B 456 1.45 9.95 15.47
C LEU B 456 2.87 10.18 14.99
N ALA B 457 3.88 9.76 15.78
CA ALA B 457 5.29 9.92 15.43
C ALA B 457 6.03 8.67 15.05
N LEU B 458 6.77 8.79 13.94
CA LEU B 458 7.57 7.72 13.40
C LEU B 458 9.06 8.18 13.38
N ASP B 459 9.94 7.24 13.64
CA ASP B 459 11.38 7.47 13.68
C ASP B 459 11.92 6.39 12.75
N ILE B 460 12.53 6.78 11.63
CA ILE B 460 12.96 5.80 10.64
C ILE B 460 14.36 5.97 10.10
N ALA B 461 14.94 4.85 9.66
CA ALA B 461 16.31 4.85 9.08
C ALA B 461 16.17 4.17 7.71
N LEU B 462 16.48 4.91 6.66
CA LEU B 462 16.35 4.38 5.30
C LEU B 462 17.57 3.60 4.88
N ARG B 463 17.42 2.74 3.88
CA ARG B 463 18.57 2.03 3.33
C ARG B 463 19.59 3.08 2.84
N ARG B 464 20.86 2.85 3.11
CA ARG B 464 21.94 3.77 2.71
C ARG B 464 21.97 4.01 1.17
N ASN B 465 21.53 3.02 0.41
CA ASN B 465 21.50 3.20 -1.04
C ASN B 465 20.18 3.82 -1.54
N ASP B 466 19.23 4.15 -0.66
CA ASP B 466 17.93 4.66 -1.10
C ASP B 466 18.11 5.96 -1.82
N THR B 467 17.26 6.18 -2.81
CA THR B 467 17.33 7.35 -3.64
C THR B 467 16.07 8.18 -3.50
N GLU B 468 15.06 7.58 -2.92
CA GLU B 468 13.78 8.25 -2.72
C GLU B 468 13.49 8.41 -1.24
N TRP B 469 14.07 9.44 -0.64
CA TRP B 469 13.88 9.63 0.80
C TRP B 469 12.62 10.45 1.16
N TYR B 470 12.17 11.32 0.27
CA TYR B 470 11.06 12.16 0.69
C TYR B 470 9.79 11.33 0.51
N GLU B 471 8.92 11.30 1.49
CA GLU B 471 7.79 10.45 1.30
C GLU B 471 6.60 11.01 0.55
N HIS B 472 5.94 10.12 -0.17
CA HIS B 472 4.72 10.41 -0.92
C HIS B 472 3.68 9.39 -0.48
N LEU B 473 2.84 9.77 0.47
CA LEU B 473 1.80 8.88 1.01
C LEU B 473 0.61 8.67 0.05
N PRO B 474 -0.11 7.54 0.20
CA PRO B 474 -1.27 7.30 -0.67
C PRO B 474 -2.31 8.37 -0.36
N PRO B 475 -3.17 8.73 -1.34
CA PRO B 475 -4.17 9.77 -1.08
C PRO B 475 -5.11 9.43 0.08
N GLU B 476 -5.47 8.16 0.23
CA GLU B 476 -6.36 7.76 1.30
C GLU B 476 -5.75 7.96 2.65
N ILE B 477 -4.43 8.14 2.71
CA ILE B 477 -3.76 8.31 4.00
C ILE B 477 -3.54 9.79 4.23
N ASP B 478 -3.06 10.46 3.21
CA ASP B 478 -2.85 11.87 3.31
C ASP B 478 -4.15 12.59 3.74
N SER B 479 -5.31 12.10 3.27
CA SER B 479 -6.59 12.74 3.58
C SER B 479 -6.93 12.70 5.06
N GLN B 480 -6.22 11.88 5.83
CA GLN B 480 -6.47 11.79 7.25
C GLN B 480 -5.55 12.70 8.08
N LEU B 481 -4.69 13.46 7.41
CA LEU B 481 -3.69 14.29 8.06
C LEU B 481 -3.74 15.78 7.97
N VAL B 482 -3.71 16.44 9.13
CA VAL B 482 -3.69 17.91 9.13
C VAL B 482 -2.28 18.35 8.67
N HIS B 483 -1.24 17.86 9.36
CA HIS B 483 0.16 18.19 9.05
C HIS B 483 1.07 16.96 8.96
N LYS B 484 2.15 17.11 8.21
CA LYS B 484 3.17 16.07 8.01
C LYS B 484 4.46 16.83 8.27
N LEU B 485 5.05 16.56 9.44
CA LEU B 485 6.23 17.27 9.94
C LEU B 485 7.47 16.41 9.81
N TYR B 486 8.38 16.82 8.91
CA TYR B 486 9.55 16.00 8.60
C TYR B 486 10.83 16.70 8.95
N TYR B 487 11.73 16.03 9.66
CA TYR B 487 13.03 16.61 10.04
C TYR B 487 13.90 15.41 10.36
N GLY B 488 15.23 15.59 10.41
CA GLY B 488 16.07 14.46 10.72
C GLY B 488 17.54 14.69 10.44
N HIS B 489 18.30 13.61 10.52
CA HIS B 489 19.78 13.63 10.35
C HIS B 489 19.99 13.10 8.93
N PHE B 490 19.99 14.04 8.00
CA PHE B 490 20.09 13.66 6.60
C PHE B 490 21.23 12.71 6.20
N MET B 491 22.50 13.02 6.50
CA MET B 491 23.58 12.15 6.06
C MET B 491 23.43 10.67 6.49
N CYS B 492 22.78 10.44 7.64
CA CYS B 492 22.59 9.08 8.14
C CYS B 492 21.25 8.51 7.66
N TYR B 493 20.46 9.33 6.95
CA TYR B 493 19.14 8.93 6.48
C TYR B 493 18.20 8.55 7.66
N VAL B 494 18.32 9.30 8.73
CA VAL B 494 17.44 9.03 9.84
C VAL B 494 16.40 10.16 9.81
N PHE B 495 15.11 9.81 9.71
CA PHE B 495 14.10 10.84 9.69
C PHE B 495 13.07 10.71 10.76
N HIS B 496 12.67 11.85 11.30
CA HIS B 496 11.61 11.85 12.28
C HIS B 496 10.40 12.33 11.52
N GLN B 497 9.29 11.61 11.62
CA GLN B 497 8.10 11.99 10.89
C GLN B 497 6.92 12.05 11.85
N ASP B 498 6.55 13.27 12.18
CA ASP B 498 5.49 13.59 13.13
C ASP B 498 4.19 13.92 12.40
N TYR B 499 3.10 13.21 12.73
CA TYR B 499 1.84 13.51 12.01
C TYR B 499 0.74 13.97 12.91
N ILE B 500 0.06 15.05 12.47
CA ILE B 500 -1.10 15.60 13.19
C ILE B 500 -2.28 14.92 12.46
N VAL B 501 -3.05 14.11 13.19
CA VAL B 501 -4.15 13.32 12.61
C VAL B 501 -5.49 13.96 12.99
N LYS B 502 -6.43 14.00 12.05
CA LYS B 502 -7.71 14.63 12.31
C LYS B 502 -8.47 13.83 13.37
N LYS B 503 -9.15 14.55 14.29
CA LYS B 503 -9.94 13.90 15.36
C LYS B 503 -10.80 12.86 14.64
N GLY B 504 -10.98 11.69 15.25
CA GLY B 504 -11.81 10.68 14.62
C GLY B 504 -11.11 9.57 13.88
N VAL B 505 -9.89 9.81 13.43
CA VAL B 505 -9.23 8.74 12.71
C VAL B 505 -8.77 7.64 13.64
N ASP B 506 -8.74 6.42 13.12
CA ASP B 506 -8.27 5.28 13.88
C ASP B 506 -6.75 5.37 13.75
N VAL B 507 -6.14 6.18 14.61
CA VAL B 507 -4.69 6.42 14.61
C VAL B 507 -3.98 5.07 14.61
N HIS B 508 -4.38 4.21 15.53
CA HIS B 508 -3.81 2.87 15.56
C HIS B 508 -3.69 2.32 14.12
N ALA B 509 -4.81 1.95 13.51
CA ALA B 509 -4.82 1.38 12.15
C ALA B 509 -4.04 2.23 11.12
N LEU B 510 -4.12 3.54 11.23
CA LEU B 510 -3.37 4.39 10.30
C LEU B 510 -1.86 4.03 10.42
N LYS B 511 -1.38 4.01 11.66
CA LYS B 511 0.02 3.71 11.91
C LYS B 511 0.48 2.38 11.34
N GLU B 512 -0.34 1.35 11.45
CA GLU B 512 0.07 0.07 10.95
C GLU B 512 0.18 0.14 9.43
N GLN B 513 -0.66 0.99 8.84
CA GLN B 513 -0.60 1.17 7.39
C GLN B 513 0.73 1.86 7.08
N MET B 514 1.07 2.85 7.91
CA MET B 514 2.34 3.56 7.71
C MET B 514 3.54 2.64 7.83
N LEU B 515 3.52 1.71 8.80
CA LEU B 515 4.65 0.82 8.98
C LEU B 515 4.78 -0.19 7.85
N GLU B 516 3.67 -0.64 7.28
CA GLU B 516 3.79 -1.60 6.15
C GLU B 516 4.50 -0.87 5.01
N LEU B 517 4.19 0.41 4.84
CA LEU B 517 4.84 1.19 3.77
C LEU B 517 6.36 1.31 4.00
N LEU B 518 6.76 1.50 5.26
CA LEU B 518 8.18 1.60 5.56
C LEU B 518 8.83 0.28 5.27
N GLN B 519 8.15 -0.81 5.62
CA GLN B 519 8.75 -2.13 5.33
C GLN B 519 8.91 -2.33 3.81
N GLN B 520 7.95 -1.85 3.05
CA GLN B 520 8.01 -2.02 1.58
C GLN B 520 9.25 -1.26 1.08
N ARG B 521 9.56 -0.15 1.72
CA ARG B 521 10.74 0.65 1.34
C ARG B 521 12.05 0.08 1.90
N GLY B 522 11.97 -0.93 2.75
CA GLY B 522 13.20 -1.47 3.30
C GLY B 522 13.72 -0.60 4.46
N ALA B 523 12.91 0.30 4.96
CA ALA B 523 13.41 1.14 6.04
C ALA B 523 13.37 0.39 7.38
N GLN B 524 14.24 0.75 8.33
CA GLN B 524 14.19 0.18 9.69
C GLN B 524 13.48 1.22 10.59
N TYR B 525 12.82 0.86 11.68
CA TYR B 525 12.18 1.99 12.31
C TYR B 525 12.47 2.56 13.59
N PRO B 526 12.20 1.88 14.69
CA PRO B 526 12.71 2.94 15.58
C PRO B 526 14.19 3.07 15.06
N ALA B 527 14.65 4.29 14.73
CA ALA B 527 16.03 4.44 14.26
C ALA B 527 16.95 4.85 15.45
N GLU B 528 16.53 5.86 16.21
CA GLU B 528 17.31 6.43 17.34
C GLU B 528 16.52 6.42 18.66
N HIS B 529 15.25 6.72 18.59
CA HIS B 529 14.44 6.83 19.79
C HIS B 529 14.31 5.37 19.99
N ASN B 530 13.82 4.89 21.05
CA ASN B 530 13.98 3.41 20.97
C ASN B 530 12.55 2.83 20.74
N VAL B 531 12.34 1.54 20.91
CA VAL B 531 10.98 1.00 20.74
C VAL B 531 9.98 1.49 21.80
N GLY B 532 10.45 1.66 23.05
CA GLY B 532 9.57 2.15 24.11
C GLY B 532 8.29 1.32 24.15
N HIS B 533 7.11 1.95 24.20
CA HIS B 533 5.87 1.19 24.17
C HIS B 533 5.16 1.56 22.90
N LEU B 534 5.89 2.14 21.94
CA LEU B 534 5.22 2.55 20.71
C LEU B 534 5.44 1.62 19.54
N TYR B 535 6.51 0.81 19.59
CA TYR B 535 6.82 -0.14 18.53
C TYR B 535 6.98 -1.54 19.07
N LYS B 536 6.58 -2.52 18.26
CA LYS B 536 6.75 -3.91 18.62
C LYS B 536 8.24 -4.18 18.51
N ALA B 537 8.83 -4.72 19.59
CA ALA B 537 10.24 -5.01 19.53
C ALA B 537 10.50 -6.19 18.61
N PRO B 538 11.49 -6.09 17.68
CA PRO B 538 11.84 -7.20 16.79
C PRO B 538 12.40 -8.22 17.74
N GLU B 539 12.26 -9.48 17.38
CA GLU B 539 12.72 -10.61 18.18
C GLU B 539 14.13 -10.47 18.69
N THR B 540 15.05 -9.95 17.87
CA THR B 540 16.41 -9.83 18.38
C THR B 540 16.48 -8.85 19.58
N LEU B 541 15.71 -7.77 19.58
CA LEU B 541 15.76 -6.89 20.73
C LEU B 541 15.06 -7.59 21.89
N GLN B 542 13.93 -8.24 21.61
CA GLN B 542 13.19 -8.94 22.69
C GLN B 542 14.10 -9.92 23.41
N LYS B 543 14.93 -10.61 22.65
CA LYS B 543 15.88 -11.56 23.21
C LYS B 543 16.94 -10.91 24.04
N PHE B 544 17.46 -9.78 23.54
CA PHE B 544 18.48 -9.04 24.31
C PHE B 544 17.81 -8.58 25.60
N TYR B 545 16.58 -8.07 25.52
CA TYR B 545 15.92 -7.59 26.75
C TYR B 545 15.73 -8.72 27.77
N ARG B 546 15.27 -9.87 27.28
CA ARG B 546 15.02 -11.02 28.15
C ARG B 546 16.28 -11.56 28.80
N GLU B 547 17.36 -11.65 28.04
CA GLU B 547 18.65 -12.08 28.55
C GLU B 547 19.20 -11.10 29.60
N ASN B 548 18.89 -9.82 29.45
CA ASN B 548 19.31 -8.84 30.43
C ASN B 548 18.44 -8.90 31.68
N ASP B 549 17.14 -9.08 31.49
CA ASP B 549 16.16 -9.05 32.58
C ASP B 549 15.25 -10.29 32.47
N PRO B 550 15.80 -11.47 32.73
CA PRO B 550 14.98 -12.69 32.64
C PRO B 550 13.69 -12.74 33.44
N THR B 551 13.64 -12.08 34.61
CA THR B 551 12.45 -12.12 35.43
C THR B 551 11.51 -11.03 34.99
N ASN B 552 11.92 -10.22 34.02
CA ASN B 552 11.05 -9.17 33.53
C ASN B 552 10.70 -8.18 34.62
N SER B 553 11.65 -7.88 35.50
CA SER B 553 11.36 -6.90 36.54
C SER B 553 11.88 -5.46 36.28
N MET B 554 12.52 -5.23 35.12
CA MET B 554 13.06 -3.88 34.87
C MET B 554 12.46 -3.32 33.60
N ASN B 555 11.69 -2.24 33.72
CA ASN B 555 11.01 -1.58 32.60
C ASN B 555 10.35 -2.65 31.71
N PRO B 556 9.55 -3.56 32.31
CA PRO B 556 8.84 -4.70 31.68
C PRO B 556 8.20 -4.84 30.27
N GLY B 557 7.22 -4.02 29.95
CA GLY B 557 6.57 -4.28 28.65
C GLY B 557 7.06 -3.53 27.43
N ILE B 558 8.29 -3.02 27.54
CA ILE B 558 8.93 -2.25 26.46
C ILE B 558 8.88 -3.10 25.17
N GLY B 559 8.59 -2.46 24.03
CA GLY B 559 8.54 -3.21 22.80
C GLY B 559 7.24 -4.01 22.65
N LYS B 560 6.19 -3.62 23.38
CA LYS B 560 4.89 -4.31 23.32
C LYS B 560 5.01 -5.79 23.67
N THR B 561 5.75 -6.07 24.72
CA THR B 561 5.93 -7.46 25.14
C THR B 561 5.18 -7.63 26.44
N SER B 562 5.28 -8.83 27.03
CA SER B 562 4.60 -9.12 28.30
C SER B 562 5.04 -8.13 29.40
N LYS B 563 4.08 -7.66 30.19
CA LYS B 563 4.33 -6.74 31.30
C LYS B 563 4.39 -7.51 32.60
N ARG B 564 4.29 -8.83 32.46
CA ARG B 564 4.23 -9.74 33.59
C ARG B 564 5.53 -10.39 34.02
N LYS B 565 5.65 -10.63 35.32
CA LYS B 565 6.83 -11.26 35.86
C LYS B 565 7.12 -12.51 35.08
N ASN B 566 8.41 -12.76 34.87
CA ASN B 566 8.96 -13.87 34.09
C ASN B 566 8.78 -14.03 32.54
N TRP B 567 9.22 -13.00 31.83
CA TRP B 567 9.27 -12.97 30.36
C TRP B 567 10.28 -11.85 29.91
#